data_9E0H
#
_entry.id   9E0H
#
_cell.length_a   1.00
_cell.length_b   1.00
_cell.length_c   1.00
_cell.angle_alpha   90.00
_cell.angle_beta   90.00
_cell.angle_gamma   90.00
#
_symmetry.space_group_name_H-M   'P 1'
#
_entity_poly.entity_id   1
_entity_poly.type   'polypeptide(L)'
_entity_poly.pdbx_seq_one_letter_code
;MAELRERLLRAARWILLLGLLVLVGFVVLAYLERSPLIRAFVLSAGVVLVALFAAALAWLYLAAALLGRSPLLALVALAL
GLITLAAASAAMAATFAHLLLEAPPEYREAMLYVFGIAVLIVGLLLLGLVWLLEEALEALLEEEKRREEEEKRRELVKRA
EEALQKAQEAEKQGDVEKAVKAAQEAVRAAKESGDNDVLRRVAEQALQIAKEAEKQGNVEVAVKAARVAVEAAKQAGDND
VLRKVAEQALRIAKEAEKQGNVEVAVKAARVAVEAAKQAGDQDVLRKVSEQAERISKEAKKQGNSEVSEEARKVADEAKK
QTGGSGGSHHHHHH
;
_entity_poly.pdbx_strand_id   A,B,C,D,E,F,G
#
# COMPACT_ATOMS: atom_id res chain seq x y z
N ALA A 2 35.94 -4.55 -9.66
CA ALA A 2 36.11 -5.78 -10.41
C ALA A 2 35.94 -6.99 -9.51
N GLU A 3 36.36 -6.86 -8.26
CA GLU A 3 36.25 -7.93 -7.29
C GLU A 3 34.90 -7.95 -6.58
N LEU A 4 34.03 -6.98 -6.85
CA LEU A 4 32.71 -6.97 -6.25
C LEU A 4 31.88 -8.17 -6.69
N ARG A 5 31.90 -8.48 -7.99
CA ARG A 5 30.98 -9.48 -8.52
C ARG A 5 31.24 -10.86 -7.93
N GLU A 6 32.51 -11.22 -7.77
CA GLU A 6 32.86 -12.46 -7.10
C GLU A 6 32.47 -12.41 -5.62
N ARG A 7 32.63 -11.25 -4.98
CA ARG A 7 32.23 -11.11 -3.58
C ARG A 7 30.73 -11.31 -3.43
N LEU A 8 29.94 -10.75 -4.35
CA LEU A 8 28.49 -10.90 -4.28
C LEU A 8 28.08 -12.37 -4.42
N LEU A 9 28.75 -13.09 -5.32
CA LEU A 9 28.44 -14.52 -5.49
C LEU A 9 28.75 -15.29 -4.22
N ARG A 10 29.89 -15.00 -3.59
CA ARG A 10 30.24 -15.67 -2.34
C ARG A 10 29.27 -15.30 -1.22
N ALA A 11 28.87 -14.03 -1.16
CA ALA A 11 27.96 -13.59 -0.10
C ALA A 11 26.63 -14.33 -0.19
N ALA A 12 26.14 -14.57 -1.41
CA ALA A 12 24.92 -15.36 -1.58
C ALA A 12 25.12 -16.79 -1.07
N ARG A 13 26.30 -17.36 -1.30
CA ARG A 13 26.59 -18.70 -0.81
C ARG A 13 26.56 -18.75 0.72
N TRP A 14 27.09 -17.71 1.37
CA TRP A 14 27.02 -17.63 2.83
C TRP A 14 25.57 -17.55 3.30
N ILE A 15 24.76 -16.75 2.60
CA ILE A 15 23.36 -16.58 3.01
C ILE A 15 22.59 -17.89 2.80
N LEU A 16 22.78 -18.53 1.65
CA LEU A 16 22.08 -19.78 1.38
C LEU A 16 22.51 -20.88 2.36
N LEU A 17 23.81 -20.96 2.65
CA LEU A 17 24.28 -21.95 3.63
C LEU A 17 23.73 -21.64 5.01
N LEU A 18 23.69 -20.36 5.40
CA LEU A 18 23.12 -19.99 6.69
C LEU A 18 21.63 -20.33 6.75
N GLY A 19 20.91 -20.08 5.66
CA GLY A 19 19.49 -20.41 5.63
C GLY A 19 19.23 -21.90 5.79
N LEU A 20 20.09 -22.73 5.20
CA LEU A 20 19.96 -24.18 5.38
C LEU A 20 20.15 -24.58 6.83
N LEU A 21 21.11 -23.96 7.51
CA LEU A 21 21.33 -24.24 8.93
C LEU A 21 20.14 -23.79 9.77
N VAL A 22 19.54 -22.66 9.43
CA VAL A 22 18.42 -22.14 10.20
C VAL A 22 17.23 -23.08 10.11
N LEU A 23 16.90 -23.53 8.89
CA LEU A 23 15.78 -24.45 8.73
C LEU A 23 16.08 -25.82 9.32
N VAL A 24 17.36 -26.23 9.31
CA VAL A 24 17.73 -27.49 9.94
C VAL A 24 17.48 -27.43 11.45
N GLY A 25 17.88 -26.31 12.07
CA GLY A 25 17.60 -26.15 13.49
C GLY A 25 16.12 -26.05 13.79
N PHE A 26 15.37 -25.35 12.94
CA PHE A 26 13.92 -25.25 13.13
C PHE A 26 13.26 -26.61 12.98
N VAL A 27 13.73 -27.42 12.03
CA VAL A 27 13.16 -28.76 11.84
C VAL A 27 13.43 -29.63 13.06
N VAL A 28 14.60 -29.46 13.67
CA VAL A 28 14.95 -30.24 14.87
C VAL A 28 14.00 -29.89 16.02
N LEU A 29 13.70 -28.61 16.20
CA LEU A 29 12.78 -28.21 17.26
C LEU A 29 11.35 -28.62 16.95
N ALA A 30 10.96 -28.58 15.68
CA ALA A 30 9.61 -28.99 15.28
C ALA A 30 9.47 -30.49 15.12
N TYR A 31 10.56 -31.25 15.20
CA TYR A 31 10.48 -32.69 15.02
C TYR A 31 9.67 -33.35 16.14
N LEU A 32 9.86 -32.89 17.38
CA LEU A 32 9.19 -33.53 18.52
C LEU A 32 8.64 -32.52 19.51
N GLU A 33 8.26 -31.33 19.06
CA GLU A 33 7.65 -30.34 19.95
C GLU A 33 6.33 -30.87 20.49
N ARG A 34 6.11 -30.69 21.80
CA ARG A 34 4.93 -31.24 22.45
C ARG A 34 3.64 -30.51 22.06
N SER A 35 3.74 -29.26 21.64
CA SER A 35 2.56 -28.46 21.33
C SER A 35 2.41 -28.30 19.84
N PRO A 36 1.28 -28.75 19.25
CA PRO A 36 1.08 -28.55 17.80
C PRO A 36 1.10 -27.09 17.40
N LEU A 37 0.59 -26.20 18.24
CA LEU A 37 0.67 -24.77 17.96
C LEU A 37 2.11 -24.30 17.94
N ILE A 38 2.94 -24.81 18.86
CA ILE A 38 4.35 -24.46 18.86
C ILE A 38 5.04 -24.99 17.61
N ARG A 39 4.60 -26.16 17.14
CA ARG A 39 5.20 -26.74 15.92
C ARG A 39 5.00 -25.81 14.73
N ALA A 40 3.80 -25.27 14.58
CA ALA A 40 3.55 -24.32 13.49
C ALA A 40 4.34 -23.03 13.68
N PHE A 41 4.46 -22.58 14.93
CA PHE A 41 5.15 -21.31 15.20
C PHE A 41 6.63 -21.39 14.84
N VAL A 42 7.30 -22.45 15.29
CA VAL A 42 8.73 -22.58 14.99
C VAL A 42 8.95 -22.84 13.51
N LEU A 43 8.04 -23.61 12.88
CA LEU A 43 8.15 -23.84 11.44
C LEU A 43 7.95 -22.55 10.66
N SER A 44 6.96 -21.74 11.05
CA SER A 44 6.74 -20.46 10.39
C SER A 44 7.92 -19.51 10.61
N ALA A 45 8.47 -19.50 11.82
CA ALA A 45 9.64 -18.66 12.09
C ALA A 45 10.83 -19.08 11.23
N GLY A 46 11.06 -20.38 11.11
CA GLY A 46 12.12 -20.86 10.24
C GLY A 46 11.84 -20.58 8.78
N VAL A 47 10.57 -20.71 8.37
CA VAL A 47 10.19 -20.41 7.00
C VAL A 47 10.32 -18.92 6.72
N VAL A 48 9.98 -18.09 7.70
CA VAL A 48 10.13 -16.65 7.54
C VAL A 48 11.60 -16.27 7.43
N LEU A 49 12.46 -16.91 8.24
CA LEU A 49 13.87 -16.57 8.24
C LEU A 49 14.52 -16.88 6.89
N VAL A 50 14.23 -18.06 6.33
CA VAL A 50 14.82 -18.43 5.05
C VAL A 50 14.22 -17.57 3.93
N ALA A 51 12.95 -17.18 4.06
CA ALA A 51 12.33 -16.36 3.04
C ALA A 51 13.01 -15.00 2.92
N LEU A 52 13.27 -14.35 4.05
CA LEU A 52 14.00 -13.08 4.02
C LEU A 52 15.44 -13.27 3.59
N PHE A 53 16.05 -14.40 3.96
CA PHE A 53 17.41 -14.69 3.51
C PHE A 53 17.46 -14.80 1.99
N ALA A 54 16.47 -15.48 1.40
CA ALA A 54 16.39 -15.54 -0.06
C ALA A 54 16.17 -14.15 -0.66
N ALA A 55 15.33 -13.35 -0.01
CA ALA A 55 15.12 -11.98 -0.47
C ALA A 55 16.39 -11.15 -0.38
N ALA A 56 17.16 -11.32 0.71
CA ALA A 56 18.43 -10.62 0.84
C ALA A 56 19.41 -11.05 -0.25
N LEU A 57 19.46 -12.36 -0.55
CA LEU A 57 20.31 -12.83 -1.62
C LEU A 57 19.86 -12.28 -2.97
N ALA A 58 18.55 -12.24 -3.20
CA ALA A 58 18.03 -11.66 -4.44
C ALA A 58 18.35 -10.18 -4.53
N TRP A 59 18.23 -9.47 -3.40
CA TRP A 59 18.58 -8.04 -3.39
C TRP A 59 20.05 -7.83 -3.69
N LEU A 60 20.92 -8.68 -3.13
CA LEU A 60 22.35 -8.58 -3.44
C LEU A 60 22.62 -8.87 -4.91
N TYR A 61 21.94 -9.86 -5.47
CA TYR A 61 22.11 -10.17 -6.89
C TYR A 61 21.61 -9.03 -7.76
N LEU A 62 20.53 -8.37 -7.35
CA LEU A 62 20.02 -7.23 -8.11
C LEU A 62 21.03 -6.10 -8.15
N ALA A 63 21.70 -5.83 -7.02
CA ALA A 63 22.76 -4.83 -7.00
C ALA A 63 23.93 -5.26 -7.87
N ALA A 64 24.28 -6.54 -7.85
CA ALA A 64 25.36 -7.03 -8.69
C ALA A 64 25.01 -6.89 -10.17
N ALA A 65 23.76 -7.16 -10.53
CA ALA A 65 23.34 -6.99 -11.92
C ALA A 65 23.44 -5.53 -12.36
N LEU A 66 23.02 -4.61 -11.50
CA LEU A 66 23.14 -3.18 -11.81
C LEU A 66 24.58 -2.71 -11.76
N LEU A 67 25.46 -3.42 -11.07
CA LEU A 67 26.85 -3.01 -10.98
C LEU A 67 27.56 -3.07 -12.33
N GLY A 68 27.11 -3.96 -13.21
CA GLY A 68 27.72 -4.08 -14.52
C GLY A 68 27.36 -3.00 -15.50
N ARG A 69 26.39 -2.13 -15.16
CA ARG A 69 25.96 -1.06 -16.03
C ARG A 69 26.31 0.31 -15.47
N SER A 70 25.87 0.61 -14.25
CA SER A 70 26.15 1.90 -13.62
C SER A 70 26.53 1.66 -12.16
N PRO A 71 27.63 2.22 -11.67
CA PRO A 71 28.00 1.99 -10.27
C PRO A 71 27.20 2.87 -9.32
N LEU A 72 26.87 4.09 -9.75
CA LEU A 72 26.06 4.97 -8.91
C LEU A 72 24.66 4.41 -8.73
N LEU A 73 24.07 3.87 -9.80
CA LEU A 73 22.74 3.28 -9.71
C LEU A 73 22.76 2.02 -8.84
N ALA A 74 23.85 1.24 -8.93
CA ALA A 74 23.95 0.03 -8.12
C ALA A 74 23.98 0.36 -6.63
N LEU A 75 24.72 1.41 -6.25
CA LEU A 75 24.76 1.81 -4.85
C LEU A 75 23.39 2.27 -4.38
N VAL A 76 22.67 3.02 -5.20
CA VAL A 76 21.32 3.45 -4.85
C VAL A 76 20.39 2.25 -4.76
N ALA A 77 20.50 1.32 -5.71
CA ALA A 77 19.68 0.11 -5.68
C ALA A 77 20.00 -0.74 -4.46
N LEU A 78 21.29 -0.87 -4.13
CA LEU A 78 21.67 -1.65 -2.96
C LEU A 78 21.14 -1.00 -1.68
N ALA A 79 21.22 0.33 -1.59
CA ALA A 79 20.68 1.02 -0.42
C ALA A 79 19.16 0.84 -0.33
N LEU A 80 18.47 0.92 -1.47
CA LEU A 80 17.03 0.70 -1.46
C LEU A 80 16.69 -0.73 -1.08
N GLY A 81 17.45 -1.70 -1.57
CA GLY A 81 17.21 -3.08 -1.21
C GLY A 81 17.47 -3.35 0.26
N LEU A 82 18.53 -2.75 0.81
CA LEU A 82 18.82 -2.91 2.24
C LEU A 82 17.71 -2.30 3.09
N ILE A 83 17.20 -1.13 2.70
CA ILE A 83 16.12 -0.51 3.44
C ILE A 83 14.86 -1.37 3.37
N THR A 84 14.55 -1.91 2.19
CA THR A 84 13.39 -2.78 2.05
C THR A 84 13.56 -4.04 2.87
N LEU A 85 14.75 -4.62 2.87
CA LEU A 85 15.00 -5.81 3.68
C LEU A 85 14.88 -5.50 5.17
N ALA A 86 15.40 -4.36 5.60
CA ALA A 86 15.30 -3.98 7.01
C ALA A 86 13.85 -3.75 7.41
N ALA A 87 13.07 -3.09 6.56
CA ALA A 87 11.66 -2.87 6.87
C ALA A 87 10.89 -4.19 6.94
N ALA A 88 11.16 -5.10 6.01
CA ALA A 88 10.50 -6.41 6.06
C ALA A 88 10.95 -7.20 7.28
N SER A 89 12.23 -7.11 7.64
CA SER A 89 12.72 -7.80 8.84
C SER A 89 12.04 -7.26 10.09
N ALA A 90 11.82 -5.95 10.15
CA ALA A 90 11.10 -5.37 11.29
C ALA A 90 9.65 -5.83 11.31
N ALA A 91 9.06 -6.04 10.12
CA ALA A 91 7.67 -6.47 10.06
C ALA A 91 7.47 -7.84 10.70
N MET A 92 8.36 -8.79 10.38
CA MET A 92 8.23 -10.12 10.96
C MET A 92 8.59 -10.13 12.44
N ALA A 93 9.53 -9.27 12.85
CA ALA A 93 9.88 -9.18 14.26
C ALA A 93 8.71 -8.67 15.10
N ALA A 94 8.01 -7.66 14.60
CA ALA A 94 6.84 -7.14 15.33
C ALA A 94 5.73 -8.18 15.39
N THR A 95 5.50 -8.90 14.30
CA THR A 95 4.49 -9.96 14.31
C THR A 95 4.87 -11.07 15.26
N PHE A 96 6.14 -11.47 15.26
CA PHE A 96 6.60 -12.51 16.18
C PHE A 96 6.50 -12.05 17.63
N ALA A 97 6.87 -10.80 17.90
CA ALA A 97 6.76 -10.26 19.25
C ALA A 97 5.31 -10.16 19.69
N HIS A 98 4.42 -9.73 18.78
CA HIS A 98 3.00 -9.66 19.11
C HIS A 98 2.43 -11.04 19.39
N LEU A 99 2.82 -12.04 18.59
CA LEU A 99 2.35 -13.40 18.82
C LEU A 99 2.87 -13.94 20.14
N LEU A 100 4.13 -13.65 20.47
CA LEU A 100 4.69 -14.10 21.73
C LEU A 100 3.95 -13.50 22.93
N LEU A 101 3.60 -12.22 22.85
CA LEU A 101 2.84 -11.59 23.92
C LEU A 101 1.45 -12.18 24.05
N GLU A 102 0.85 -12.60 22.92
CA GLU A 102 -0.47 -13.21 22.94
C GLU A 102 -0.44 -14.69 23.28
N ALA A 103 0.74 -15.31 23.33
CA ALA A 103 0.84 -16.72 23.68
C ALA A 103 0.47 -16.93 25.14
N PRO A 104 -0.08 -18.10 25.47
CA PRO A 104 -0.41 -18.38 26.87
C PRO A 104 0.85 -18.56 27.69
N PRO A 105 0.79 -18.31 29.00
CA PRO A 105 1.99 -18.40 29.85
C PRO A 105 2.65 -19.77 29.81
N GLU A 106 1.85 -20.83 29.69
CA GLU A 106 2.42 -22.18 29.60
C GLU A 106 3.27 -22.34 28.35
N TYR A 107 2.80 -21.82 27.22
CA TYR A 107 3.55 -21.89 25.97
C TYR A 107 4.49 -20.71 25.77
N ARG A 108 4.27 -19.61 26.50
CA ARG A 108 5.10 -18.41 26.31
C ARG A 108 6.56 -18.69 26.63
N GLU A 109 6.83 -19.61 27.56
CA GLU A 109 8.21 -19.95 27.88
C GLU A 109 8.92 -20.53 26.65
N ALA A 110 8.25 -21.44 25.95
CA ALA A 110 8.82 -21.98 24.72
C ALA A 110 8.78 -20.96 23.59
N MET A 111 7.71 -20.16 23.52
CA MET A 111 7.60 -19.16 22.47
C MET A 111 8.67 -18.08 22.59
N LEU A 112 8.99 -17.66 23.82
CA LEU A 112 10.02 -16.65 24.02
C LEU A 112 11.40 -17.16 23.63
N TYR A 113 11.69 -18.44 23.88
CA TYR A 113 12.95 -19.01 23.44
C TYR A 113 13.05 -19.02 21.92
N VAL A 114 11.95 -19.35 21.24
CA VAL A 114 11.92 -19.27 19.78
C VAL A 114 12.03 -17.81 19.34
N PHE A 115 11.40 -16.90 20.08
CA PHE A 115 11.51 -15.48 19.76
C PHE A 115 12.96 -15.00 19.90
N GLY A 116 13.65 -15.45 20.95
CA GLY A 116 15.06 -15.11 21.09
C GLY A 116 15.92 -15.68 19.98
N ILE A 117 15.63 -16.92 19.57
CA ILE A 117 16.33 -17.51 18.43
C ILE A 117 16.00 -16.72 17.17
N ALA A 118 14.74 -16.35 16.98
CA ALA A 118 14.35 -15.54 15.83
C ALA A 118 15.02 -14.18 15.87
N VAL A 119 15.15 -13.59 17.06
CA VAL A 119 15.83 -12.31 17.19
C VAL A 119 17.29 -12.44 16.79
N LEU A 120 17.92 -13.58 17.10
CA LEU A 120 19.29 -13.81 16.68
C LEU A 120 19.38 -13.88 15.15
N ILE A 121 18.38 -14.48 14.50
CA ILE A 121 18.35 -14.52 13.04
C ILE A 121 18.21 -13.11 12.48
N VAL A 122 17.39 -12.28 13.12
CA VAL A 122 17.24 -10.90 12.68
C VAL A 122 18.56 -10.16 12.83
N GLY A 123 19.25 -10.36 13.95
CA GLY A 123 20.54 -9.72 14.15
C GLY A 123 21.58 -10.19 13.15
N LEU A 124 21.59 -11.49 12.85
CA LEU A 124 22.52 -12.02 11.86
C LEU A 124 22.21 -11.46 10.48
N LEU A 125 20.93 -11.37 10.12
CA LEU A 125 20.54 -10.80 8.83
C LEU A 125 20.89 -9.32 8.77
N LEU A 126 20.63 -8.59 9.86
CA LEU A 126 20.94 -7.17 9.88
C LEU A 126 22.45 -6.93 9.80
N LEU A 127 23.23 -7.72 10.54
CA LEU A 127 24.68 -7.57 10.52
C LEU A 127 25.24 -7.90 9.14
N GLY A 128 24.72 -8.96 8.51
CA GLY A 128 25.19 -9.30 7.17
C GLY A 128 24.82 -8.27 6.14
N LEU A 129 23.61 -7.69 6.26
CA LEU A 129 23.16 -6.70 5.29
C LEU A 129 24.01 -5.43 5.35
N VAL A 130 24.27 -4.94 6.56
CA VAL A 130 25.06 -3.71 6.69
C VAL A 130 26.51 -3.96 6.30
N TRP A 131 27.04 -5.14 6.62
CA TRP A 131 28.41 -5.46 6.21
C TRP A 131 28.53 -5.57 4.70
N LEU A 132 27.54 -6.22 4.05
CA LEU A 132 27.54 -6.28 2.59
C LEU A 132 27.35 -4.90 1.98
N LEU A 133 26.47 -4.09 2.57
CA LEU A 133 26.26 -2.73 2.07
C LEU A 133 27.50 -1.89 2.25
N GLU A 134 28.18 -2.03 3.39
CA GLU A 134 29.41 -1.27 3.63
C GLU A 134 30.48 -1.63 2.62
N GLU A 135 30.62 -2.92 2.32
CA GLU A 135 31.57 -3.34 1.28
C GLU A 135 31.14 -2.84 -0.09
N ALA A 136 29.83 -2.84 -0.35
CA ALA A 136 29.33 -2.35 -1.64
C ALA A 136 29.62 -0.87 -1.82
N LEU A 137 29.40 -0.07 -0.76
CA LEU A 137 29.71 1.35 -0.86
C LEU A 137 31.21 1.61 -0.73
N GLU A 138 31.96 0.65 -0.20
CA GLU A 138 33.41 0.79 -0.16
C GLU A 138 34.00 0.90 -1.55
N ALA A 139 33.48 0.11 -2.49
CA ALA A 139 33.94 0.22 -3.87
C ALA A 139 33.51 1.53 -4.51
N LEU A 140 32.41 2.13 -4.01
CA LEU A 140 32.02 3.45 -4.50
C LEU A 140 33.09 4.48 -4.21
N LEU A 141 33.80 4.33 -3.10
CA LEU A 141 34.97 5.18 -2.86
C LEU A 141 35.99 5.00 -3.96
N GLU A 142 36.25 3.75 -4.36
CA GLU A 142 37.14 3.50 -5.49
C GLU A 142 36.55 3.96 -6.80
N GLU A 143 35.23 3.80 -6.97
CA GLU A 143 34.58 4.25 -8.20
C GLU A 143 34.68 5.77 -8.36
N GLU A 144 34.45 6.51 -7.28
CA GLU A 144 34.59 7.96 -7.34
C GLU A 144 36.04 8.36 -7.48
N LYS A 145 36.95 7.65 -6.80
CA LYS A 145 38.38 7.94 -6.93
C LYS A 145 38.86 7.67 -8.35
N ARG A 146 38.36 6.60 -8.98
CA ARG A 146 38.72 6.31 -10.35
C ARG A 146 38.28 7.43 -11.29
N ARG A 147 37.08 7.97 -11.07
CA ARG A 147 36.62 9.11 -11.85
C ARG A 147 37.50 10.32 -11.61
N GLU A 148 37.89 10.55 -10.36
CA GLU A 148 38.79 11.65 -10.04
C GLU A 148 40.16 11.45 -10.70
N GLU A 149 40.66 10.21 -10.69
CA GLU A 149 41.92 9.92 -11.36
C GLU A 149 41.79 10.06 -12.87
N GLU A 150 40.63 9.71 -13.42
CA GLU A 150 40.43 9.81 -14.86
C GLU A 150 40.49 11.25 -15.33
N GLU A 151 39.87 12.17 -14.59
CA GLU A 151 39.87 13.58 -14.98
C GLU A 151 41.22 14.26 -14.75
N LYS A 152 42.13 13.63 -14.01
CA LYS A 152 43.44 14.22 -13.74
C LYS A 152 44.33 14.14 -14.97
N ALA B 2 32.06 19.30 -1.17
CA ALA B 2 33.20 18.39 -1.21
C ALA B 2 33.39 17.70 0.13
N GLU B 3 33.07 18.41 1.21
CA GLU B 3 33.19 17.87 2.56
C GLU B 3 31.94 17.10 2.98
N LEU B 4 30.90 17.07 2.16
CA LEU B 4 29.70 16.30 2.49
C LEU B 4 29.99 14.81 2.58
N ARG B 5 30.74 14.28 1.60
CA ARG B 5 30.89 12.82 1.49
C ARG B 5 31.60 12.25 2.70
N GLU B 6 32.63 12.94 3.19
CA GLU B 6 33.29 12.52 4.42
C GLU B 6 32.36 12.66 5.62
N ARG B 7 31.54 13.71 5.64
CA ARG B 7 30.58 13.89 6.73
C ARG B 7 29.57 12.76 6.76
N LEU B 8 29.09 12.34 5.57
CA LEU B 8 28.13 11.25 5.51
C LEU B 8 28.73 9.94 6.02
N LEU B 9 30.00 9.68 5.68
CA LEU B 9 30.66 8.48 6.19
C LEU B 9 30.78 8.51 7.70
N ARG B 10 31.14 9.66 8.26
CA ARG B 10 31.24 9.78 9.72
C ARG B 10 29.87 9.64 10.38
N ALA B 11 28.83 10.23 9.77
CA ALA B 11 27.49 10.15 10.34
C ALA B 11 27.02 8.71 10.43
N ALA B 12 27.33 7.89 9.43
CA ALA B 12 27.00 6.47 9.49
C ALA B 12 27.73 5.78 10.64
N ARG B 13 28.98 6.17 10.88
CA ARG B 13 29.74 5.60 11.99
C ARG B 13 29.09 5.94 13.32
N TRP B 14 28.59 7.17 13.47
CA TRP B 14 27.88 7.55 14.69
C TRP B 14 26.61 6.73 14.85
N ILE B 15 25.87 6.51 13.76
CA ILE B 15 24.63 5.75 13.83
C ILE B 15 24.92 4.29 14.18
N LEU B 16 25.91 3.70 13.51
CA LEU B 16 26.24 2.29 13.79
C LEU B 16 26.75 2.12 15.20
N LEU B 17 27.58 3.05 15.69
CA LEU B 17 28.05 2.97 17.06
C LEU B 17 26.90 3.15 18.05
N LEU B 18 25.99 4.07 17.75
CA LEU B 18 24.82 4.25 18.62
C LEU B 18 23.94 3.02 18.63
N GLY B 19 23.76 2.38 17.46
CA GLY B 19 22.96 1.17 17.41
C GLY B 19 23.55 0.04 18.22
N LEU B 20 24.88 -0.07 18.23
CA LEU B 20 25.54 -1.08 19.05
C LEU B 20 25.29 -0.84 20.53
N LEU B 21 25.32 0.43 20.96
CA LEU B 21 25.02 0.74 22.35
C LEU B 21 23.57 0.43 22.70
N VAL B 22 22.65 0.70 21.77
CA VAL B 22 21.24 0.45 22.04
C VAL B 22 20.98 -1.03 22.25
N LEU B 23 21.52 -1.87 21.36
CA LEU B 23 21.32 -3.32 21.51
C LEU B 23 22.05 -3.86 22.72
N VAL B 24 23.18 -3.26 23.08
CA VAL B 24 23.90 -3.67 24.29
C VAL B 24 23.05 -3.42 25.53
N GLY B 25 22.42 -2.24 25.59
CA GLY B 25 21.53 -1.95 26.70
C GLY B 25 20.30 -2.84 26.71
N PHE B 26 19.75 -3.11 25.53
CA PHE B 26 18.59 -4.00 25.44
C PHE B 26 18.96 -5.41 25.88
N VAL B 27 20.16 -5.87 25.51
CA VAL B 27 20.58 -7.21 25.91
C VAL B 27 20.76 -7.29 27.42
N VAL B 28 21.23 -6.20 28.03
CA VAL B 28 21.39 -6.18 29.49
C VAL B 28 20.05 -6.31 30.19
N LEU B 29 19.03 -5.60 29.69
CA LEU B 29 17.70 -5.71 30.28
C LEU B 29 17.06 -7.07 30.02
N ALA B 30 17.30 -7.64 28.84
CA ALA B 30 16.76 -8.94 28.50
C ALA B 30 17.57 -10.10 29.06
N TYR B 31 18.74 -9.82 29.65
CA TYR B 31 19.58 -10.89 30.18
C TYR B 31 18.91 -11.60 31.35
N LEU B 32 18.26 -10.85 32.24
CA LEU B 32 17.66 -11.44 33.43
C LEU B 32 16.27 -10.90 33.73
N GLU B 33 15.52 -10.47 32.72
CA GLU B 33 14.16 -10.02 32.93
C GLU B 33 13.28 -11.15 33.46
N ARG B 34 12.48 -10.84 34.48
CA ARG B 34 11.69 -11.87 35.14
C ARG B 34 10.53 -12.37 34.28
N SER B 35 10.06 -11.58 33.33
CA SER B 35 8.91 -11.95 32.51
C SER B 35 9.36 -12.34 31.12
N PRO B 36 9.07 -13.57 30.68
CA PRO B 36 9.43 -13.95 29.30
C PRO B 36 8.79 -13.06 28.24
N LEU B 37 7.55 -12.60 28.49
CA LEU B 37 6.92 -11.67 27.56
C LEU B 37 7.69 -10.35 27.52
N ILE B 38 8.16 -9.88 28.67
CA ILE B 38 8.96 -8.66 28.70
C ILE B 38 10.27 -8.86 27.97
N ARG B 39 10.85 -10.07 28.06
CA ARG B 39 12.10 -10.35 27.37
C ARG B 39 11.95 -10.18 25.86
N ALA B 40 10.85 -10.70 25.30
CA ALA B 40 10.61 -10.51 23.87
C ALA B 40 10.35 -9.06 23.53
N PHE B 41 9.64 -8.34 24.40
CA PHE B 41 9.30 -6.95 24.13
C PHE B 41 10.54 -6.07 24.06
N VAL B 42 11.42 -6.18 25.05
CA VAL B 42 12.62 -5.35 25.06
C VAL B 42 13.56 -5.76 23.93
N LEU B 43 13.63 -7.06 23.62
CA LEU B 43 14.45 -7.52 22.50
C LEU B 43 13.91 -6.99 21.18
N SER B 44 12.59 -7.04 21.00
CA SER B 44 11.99 -6.51 19.77
C SER B 44 12.19 -5.00 19.67
N ALA B 45 12.05 -4.29 20.80
CA ALA B 45 12.27 -2.85 20.79
C ALA B 45 13.71 -2.52 20.41
N GLY B 46 14.67 -3.26 20.97
CA GLY B 46 16.06 -3.07 20.59
C GLY B 46 16.33 -3.47 19.14
N VAL B 47 15.69 -4.54 18.68
CA VAL B 47 15.83 -4.95 17.30
C VAL B 47 15.20 -3.94 16.35
N VAL B 48 14.06 -3.36 16.77
CA VAL B 48 13.42 -2.34 15.95
C VAL B 48 14.29 -1.09 15.88
N LEU B 49 14.91 -0.71 17.01
CA LEU B 49 15.72 0.50 17.05
C LEU B 49 16.92 0.40 16.11
N VAL B 50 17.62 -0.74 16.15
CA VAL B 50 18.79 -0.90 15.30
C VAL B 50 18.37 -1.04 13.84
N ALA B 51 17.20 -1.63 13.58
CA ALA B 51 16.72 -1.78 12.22
C ALA B 51 16.49 -0.42 11.56
N LEU B 52 15.82 0.49 12.26
CA LEU B 52 15.63 1.83 11.72
C LEU B 52 16.93 2.61 11.65
N PHE B 53 17.84 2.37 12.59
CA PHE B 53 19.15 3.00 12.53
C PHE B 53 19.91 2.57 11.28
N ALA B 54 19.86 1.27 10.95
CA ALA B 54 20.45 0.80 9.70
C ALA B 54 19.76 1.42 8.49
N ALA B 55 18.43 1.55 8.55
CA ALA B 55 17.70 2.19 7.46
C ALA B 55 18.10 3.65 7.32
N ALA B 56 18.26 4.35 8.46
CA ALA B 56 18.71 5.74 8.40
C ALA B 56 20.10 5.86 7.81
N LEU B 57 21.01 4.94 8.19
CA LEU B 57 22.34 4.94 7.60
C LEU B 57 22.28 4.65 6.11
N ALA B 58 21.43 3.69 5.71
CA ALA B 58 21.27 3.40 4.28
C ALA B 58 20.69 4.60 3.54
N TRP B 59 19.72 5.28 4.15
CA TRP B 59 19.15 6.48 3.52
C TRP B 59 20.20 7.57 3.37
N LEU B 60 21.05 7.76 4.38
CA LEU B 60 22.13 8.74 4.27
C LEU B 60 23.11 8.36 3.17
N TYR B 61 23.44 7.07 3.06
CA TYR B 61 24.34 6.62 2.01
C TYR B 61 23.72 6.79 0.63
N LEU B 62 22.40 6.59 0.52
CA LEU B 62 21.72 6.81 -0.75
C LEU B 62 21.82 8.26 -1.18
N ALA B 63 21.65 9.19 -0.24
CA ALA B 63 21.81 10.61 -0.56
C ALA B 63 23.24 10.92 -0.95
N ALA B 64 24.21 10.30 -0.27
CA ALA B 64 25.62 10.51 -0.61
C ALA B 64 25.92 9.98 -2.01
N ALA B 65 25.35 8.83 -2.36
CA ALA B 65 25.55 8.29 -3.71
C ALA B 65 24.98 9.23 -4.77
N LEU B 66 23.79 9.77 -4.53
CA LEU B 66 23.21 10.73 -5.47
C LEU B 66 23.92 12.06 -5.46
N LEU B 67 24.66 12.38 -4.38
CA LEU B 67 25.36 13.66 -4.31
C LEU B 67 26.47 13.75 -5.35
N GLY B 68 27.04 12.62 -5.75
CA GLY B 68 28.09 12.62 -6.74
C GLY B 68 27.64 12.83 -8.17
N ARG B 69 26.33 12.83 -8.42
CA ARG B 69 25.79 13.02 -9.75
C ARG B 69 25.01 14.33 -9.87
N SER B 70 24.01 14.54 -9.02
CA SER B 70 23.20 15.76 -9.05
C SER B 70 22.98 16.23 -7.62
N PRO B 71 23.24 17.50 -7.30
CA PRO B 71 23.02 17.98 -5.94
C PRO B 71 21.55 18.25 -5.65
N LEU B 72 20.81 18.73 -6.64
CA LEU B 72 19.38 18.97 -6.46
C LEU B 72 18.64 17.66 -6.23
N LEU B 73 18.99 16.61 -6.99
CA LEU B 73 18.35 15.32 -6.80
C LEU B 73 18.72 14.72 -5.44
N ALA B 74 19.95 14.93 -4.99
CA ALA B 74 20.37 14.40 -3.70
C ALA B 74 19.57 15.02 -2.57
N LEU B 75 19.33 16.33 -2.63
CA LEU B 75 18.53 17.00 -1.61
C LEU B 75 17.10 16.47 -1.61
N VAL B 76 16.52 16.26 -2.79
CA VAL B 76 15.18 15.70 -2.87
C VAL B 76 15.17 14.27 -2.34
N ALA B 77 16.18 13.48 -2.71
CA ALA B 77 16.26 12.11 -2.22
C ALA B 77 16.47 12.08 -0.70
N LEU B 78 17.31 12.98 -0.18
CA LEU B 78 17.51 13.03 1.26
C LEU B 78 16.23 13.42 1.99
N ALA B 79 15.49 14.38 1.44
CA ALA B 79 14.21 14.77 2.04
C ALA B 79 13.22 13.62 2.00
N LEU B 80 13.16 12.89 0.88
CA LEU B 80 12.28 11.74 0.78
C LEU B 80 12.68 10.65 1.76
N GLY B 81 13.98 10.41 1.89
CA GLY B 81 14.45 9.41 2.85
C GLY B 81 14.15 9.79 4.28
N LEU B 82 14.31 11.08 4.62
CA LEU B 82 14.00 11.53 5.97
C LEU B 82 12.52 11.39 6.27
N ILE B 83 11.66 11.72 5.30
CA ILE B 83 10.22 11.56 5.49
C ILE B 83 9.86 10.10 5.67
N THR B 84 10.45 9.23 4.85
CA THR B 84 10.19 7.79 4.99
C THR B 84 10.67 7.27 6.34
N LEU B 85 11.84 7.72 6.78
CA LEU B 85 12.35 7.31 8.09
C LEU B 85 11.46 7.81 9.21
N ALA B 86 10.98 9.06 9.10
CA ALA B 86 10.10 9.60 10.13
C ALA B 86 8.78 8.84 10.17
N ALA B 87 8.21 8.51 9.00
CA ALA B 87 6.96 7.77 8.97
C ALA B 87 7.14 6.37 9.56
N ALA B 88 8.25 5.70 9.23
CA ALA B 88 8.52 4.39 9.80
C ALA B 88 8.76 4.48 11.31
N SER B 89 9.44 5.53 11.76
CA SER B 89 9.66 5.72 13.18
C SER B 89 8.35 5.93 13.93
N ALA B 90 7.42 6.68 13.32
CA ALA B 90 6.10 6.85 13.92
C ALA B 90 5.33 5.54 13.96
N ALA B 91 5.54 4.68 12.95
CA ALA B 91 4.83 3.40 12.90
C ALA B 91 5.20 2.52 14.09
N MET B 92 6.49 2.42 14.39
CA MET B 92 6.92 1.58 15.52
C MET B 92 6.54 2.22 16.85
N ALA B 93 6.54 3.55 16.92
CA ALA B 93 6.13 4.22 18.16
C ALA B 93 4.66 3.97 18.47
N ALA B 94 3.80 4.03 17.46
CA ALA B 94 2.38 3.74 17.67
C ALA B 94 2.17 2.29 18.08
N THR B 95 2.88 1.36 17.44
CA THR B 95 2.76 -0.04 17.82
C THR B 95 3.26 -0.28 19.23
N PHE B 96 4.38 0.35 19.60
CA PHE B 96 4.90 0.21 20.96
C PHE B 96 3.94 0.82 21.98
N ALA B 97 3.39 1.99 21.66
CA ALA B 97 2.42 2.62 22.57
C ALA B 97 1.16 1.78 22.69
N HIS B 98 0.68 1.22 21.59
CA HIS B 98 -0.50 0.36 21.62
C HIS B 98 -0.25 -0.89 22.46
N LEU B 99 0.94 -1.49 22.29
CA LEU B 99 1.28 -2.68 23.08
C LEU B 99 1.40 -2.33 24.56
N LEU B 100 1.96 -1.16 24.87
CA LEU B 100 2.08 -0.75 26.27
C LEU B 100 0.71 -0.56 26.91
N LEU B 101 -0.22 0.03 26.18
CA LEU B 101 -1.58 0.20 26.70
C LEU B 101 -2.28 -1.13 26.90
N GLU B 102 -1.98 -2.12 26.05
CA GLU B 102 -2.56 -3.45 26.17
C GLU B 102 -1.85 -4.33 27.18
N ALA B 103 -0.70 -3.91 27.68
CA ALA B 103 0.03 -4.68 28.66
C ALA B 103 -0.73 -4.71 29.99
N PRO B 104 -0.62 -5.79 30.76
CA PRO B 104 -1.27 -5.85 32.06
C PRO B 104 -0.63 -4.88 33.04
N PRO B 105 -1.39 -4.41 34.05
CA PRO B 105 -0.85 -3.42 34.99
C PRO B 105 0.41 -3.88 35.70
N GLU B 106 0.51 -5.17 36.00
CA GLU B 106 1.71 -5.69 36.64
C GLU B 106 2.94 -5.54 35.75
N TYR B 107 2.79 -5.81 34.46
CA TYR B 107 3.89 -5.66 33.52
C TYR B 107 3.97 -4.27 32.90
N ARG B 108 2.88 -3.50 32.97
CA ARG B 108 2.87 -2.18 32.35
C ARG B 108 3.92 -1.25 32.97
N GLU B 109 4.23 -1.44 34.26
CA GLU B 109 5.26 -0.62 34.89
C GLU B 109 6.61 -0.83 34.21
N ALA B 110 6.97 -2.09 33.94
CA ALA B 110 8.20 -2.37 33.20
C ALA B 110 8.06 -2.01 31.73
N MET B 111 6.88 -2.25 31.14
CA MET B 111 6.69 -1.92 29.73
C MET B 111 6.78 -0.42 29.48
N LEU B 112 6.24 0.40 30.38
CA LEU B 112 6.30 1.85 30.20
C LEU B 112 7.73 2.36 30.31
N TYR B 113 8.55 1.78 31.19
CA TYR B 113 9.95 2.16 31.25
C TYR B 113 10.67 1.83 29.95
N VAL B 114 10.38 0.66 29.37
CA VAL B 114 10.93 0.32 28.06
C VAL B 114 10.38 1.26 27.00
N PHE B 115 9.11 1.62 27.11
CA PHE B 115 8.52 2.57 26.18
C PHE B 115 9.19 3.93 26.27
N GLY B 116 9.49 4.39 27.48
CA GLY B 116 10.23 5.63 27.64
C GLY B 116 11.62 5.56 27.06
N ILE B 117 12.31 4.43 27.27
CA ILE B 117 13.61 4.22 26.66
C ILE B 117 13.49 4.20 25.14
N ALA B 118 12.46 3.51 24.63
CA ALA B 118 12.22 3.49 23.19
C ALA B 118 11.91 4.88 22.66
N VAL B 119 11.16 5.67 23.43
CA VAL B 119 10.85 7.03 23.01
C VAL B 119 12.12 7.87 22.94
N LEU B 120 13.06 7.62 23.85
CA LEU B 120 14.36 8.30 23.77
C LEU B 120 15.10 7.93 22.50
N ILE B 121 15.02 6.66 22.09
CA ILE B 121 15.65 6.24 20.84
C ILE B 121 14.99 6.93 19.65
N VAL B 122 13.67 7.08 19.70
CA VAL B 122 12.96 7.80 18.64
C VAL B 122 13.41 9.25 18.59
N GLY B 123 13.51 9.89 19.76
CA GLY B 123 13.99 11.26 19.80
C GLY B 123 15.41 11.41 19.30
N LEU B 124 16.29 10.47 19.67
CA LEU B 124 17.67 10.50 19.19
C LEU B 124 17.72 10.31 17.68
N LEU B 125 16.92 9.38 17.16
CA LEU B 125 16.88 9.17 15.71
C LEU B 125 16.31 10.38 14.99
N LEU B 126 15.24 10.97 15.55
CA LEU B 126 14.64 12.15 14.93
C LEU B 126 15.61 13.33 14.96
N LEU B 127 16.28 13.54 16.10
CA LEU B 127 17.23 14.64 16.19
C LEU B 127 18.40 14.46 15.24
N GLY B 128 18.92 13.23 15.13
CA GLY B 128 20.01 12.97 14.20
C GLY B 128 19.59 13.14 12.75
N LEU B 129 18.38 12.72 12.42
CA LEU B 129 17.90 12.82 11.04
C LEU B 129 17.75 14.27 10.60
N VAL B 130 17.14 15.10 11.44
CA VAL B 130 16.94 16.50 11.08
C VAL B 130 18.26 17.24 11.06
N TRP B 131 19.19 16.91 11.98
CA TRP B 131 20.50 17.54 11.98
C TRP B 131 21.28 17.16 10.73
N LEU B 132 21.24 15.88 10.35
CA LEU B 132 21.89 15.45 9.11
C LEU B 132 21.24 16.08 7.89
N LEU B 133 19.91 16.16 7.89
CA LEU B 133 19.20 16.79 6.78
C LEU B 133 19.52 18.27 6.70
N GLU B 134 19.59 18.95 7.86
CA GLU B 134 19.93 20.37 7.86
C GLU B 134 21.33 20.61 7.31
N GLU B 135 22.28 19.77 7.69
CA GLU B 135 23.62 19.88 7.13
C GLU B 135 23.62 19.57 5.64
N ALA B 136 22.81 18.58 5.23
CA ALA B 136 22.73 18.23 3.81
C ALA B 136 22.17 19.38 2.98
N LEU B 137 21.12 20.03 3.48
CA LEU B 137 20.56 21.18 2.76
C LEU B 137 21.42 22.42 2.96
N GLU B 138 22.28 22.44 3.98
CA GLU B 138 23.19 23.56 4.16
C GLU B 138 24.15 23.68 2.97
N ALA B 139 24.62 22.55 2.47
CA ALA B 139 25.47 22.59 1.28
C ALA B 139 24.69 23.00 0.04
N LEU B 140 23.37 22.76 0.03
CA LEU B 140 22.55 23.24 -1.08
C LEU B 140 22.59 24.75 -1.19
N LEU B 141 22.71 25.44 -0.05
CA LEU B 141 22.94 26.88 -0.08
C LEU B 141 24.24 27.19 -0.81
N GLU B 142 25.29 26.43 -0.52
CA GLU B 142 26.55 26.60 -1.24
C GLU B 142 26.43 26.15 -2.69
N GLU B 143 25.67 25.08 -2.95
CA GLU B 143 25.48 24.61 -4.31
C GLU B 143 24.76 25.65 -5.16
N GLU B 144 23.72 26.27 -4.61
CA GLU B 144 23.01 27.32 -5.35
C GLU B 144 23.87 28.57 -5.46
N LYS B 145 24.62 28.90 -4.40
CA LYS B 145 25.52 30.05 -4.46
C LYS B 145 26.63 29.84 -5.49
N ARG B 146 27.14 28.61 -5.59
CA ARG B 146 28.16 28.32 -6.60
C ARG B 146 27.60 28.52 -8.00
N ARG B 147 26.36 28.09 -8.23
CA ARG B 147 25.72 28.33 -9.53
C ARG B 147 25.55 29.82 -9.78
N GLU B 148 25.16 30.57 -8.74
CA GLU B 148 25.04 32.02 -8.87
C GLU B 148 26.39 32.66 -9.16
N GLU B 149 27.45 32.18 -8.49
CA GLU B 149 28.78 32.71 -8.75
C GLU B 149 29.25 32.32 -10.14
N GLU B 150 28.87 31.13 -10.62
CA GLU B 150 29.28 30.68 -11.94
C GLU B 150 28.71 31.57 -13.04
N GLU B 151 27.44 31.94 -12.91
CA GLU B 151 26.81 32.79 -13.93
C GLU B 151 27.27 34.24 -13.87
N LYS B 152 27.94 34.64 -12.79
CA LYS B 152 28.43 36.01 -12.66
C LYS B 152 29.62 36.25 -13.57
N ALA C 2 12.12 35.02 -5.73
CA ALA C 2 13.46 35.20 -5.18
C ALA C 2 13.43 35.20 -3.66
N GLU C 3 12.33 35.74 -3.10
CA GLU C 3 12.16 35.80 -1.65
C GLU C 3 11.55 34.52 -1.09
N LEU C 4 11.16 33.57 -1.94
CA LEU C 4 10.62 32.31 -1.45
C LEU C 4 11.63 31.53 -0.63
N ARG C 5 12.87 31.44 -1.12
CA ARG C 5 13.85 30.54 -0.51
C ARG C 5 14.17 30.95 0.92
N GLU C 6 14.30 32.26 1.15
CA GLU C 6 14.49 32.75 2.51
C GLU C 6 13.24 32.51 3.35
N ARG C 7 12.06 32.66 2.76
CA ARG C 7 10.83 32.39 3.49
C ARG C 7 10.74 30.93 3.91
N LEU C 8 11.13 30.02 3.03
CA LEU C 8 11.11 28.59 3.35
C LEU C 8 12.06 28.27 4.50
N LEU C 9 13.24 28.88 4.51
CA LEU C 9 14.18 28.66 5.60
C LEU C 9 13.61 29.15 6.92
N ARG C 10 12.98 30.32 6.91
CA ARG C 10 12.36 30.85 8.14
C ARG C 10 11.20 29.97 8.58
N ALA C 11 10.40 29.49 7.64
CA ALA C 11 9.24 28.65 7.98
C ALA C 11 9.68 27.38 8.69
N ALA C 12 10.80 26.79 8.24
CA ALA C 12 11.34 25.62 8.93
C ALA C 12 11.76 25.96 10.35
N ARG C 13 12.33 27.16 10.54
CA ARG C 13 12.71 27.57 11.89
C ARG C 13 11.50 27.70 12.80
N TRP C 14 10.39 28.23 12.27
CA TRP C 14 9.16 28.29 13.05
C TRP C 14 8.66 26.90 13.42
N ILE C 15 8.72 25.97 12.46
CA ILE C 15 8.25 24.61 12.71
C ILE C 15 9.13 23.92 13.75
N LEU C 16 10.45 24.03 13.59
CA LEU C 16 11.37 23.39 14.53
C LEU C 16 11.23 23.98 15.92
N LEU C 17 11.09 25.31 16.02
CA LEU C 17 10.88 25.94 17.32
C LEU C 17 9.56 25.52 17.93
N LEU C 18 8.51 25.42 17.11
CA LEU C 18 7.22 24.96 17.61
C LEU C 18 7.30 23.52 18.09
N GLY C 19 8.02 22.67 17.35
CA GLY C 19 8.16 21.28 17.77
C GLY C 19 8.88 21.15 19.09
N LEU C 20 9.88 22.00 19.34
CA LEU C 20 10.57 21.98 20.62
C LEU C 20 9.63 22.35 21.76
N LEU C 21 8.76 23.33 21.54
CA LEU C 21 7.78 23.70 22.56
C LEU C 21 6.79 22.58 22.81
N VAL C 22 6.38 21.88 21.75
CA VAL C 22 5.40 20.79 21.90
C VAL C 22 5.97 19.67 22.75
N LEU C 23 7.21 19.26 22.45
CA LEU C 23 7.82 18.18 23.24
C LEU C 23 8.14 18.64 24.65
N VAL C 24 8.44 19.93 24.84
CA VAL C 24 8.68 20.45 26.18
C VAL C 24 7.41 20.35 27.02
N GLY C 25 6.28 20.73 26.44
CA GLY C 25 5.00 20.59 27.14
C GLY C 25 4.64 19.14 27.40
N PHE C 26 4.90 18.27 26.42
CA PHE C 26 4.62 16.84 26.61
C PHE C 26 5.51 16.26 27.71
N VAL C 27 6.77 16.69 27.77
CA VAL C 27 7.67 16.19 28.81
C VAL C 27 7.20 16.65 30.19
N VAL C 28 6.65 17.86 30.27
CA VAL C 28 6.14 18.37 31.55
C VAL C 28 4.97 17.52 32.03
N LEU C 29 4.07 17.16 31.12
CA LEU C 29 2.93 16.32 31.51
C LEU C 29 3.35 14.89 31.83
N ALA C 30 4.35 14.37 31.11
CA ALA C 30 4.85 13.03 31.36
C ALA C 30 5.84 12.97 32.51
N TYR C 31 6.27 14.12 33.05
CA TYR C 31 7.24 14.11 34.12
C TYR C 31 6.68 13.47 35.39
N LEU C 32 5.42 13.75 35.72
CA LEU C 32 4.84 13.25 36.95
C LEU C 32 3.42 12.72 36.77
N GLU C 33 3.07 12.22 35.58
CA GLU C 33 1.75 11.64 35.36
C GLU C 33 1.56 10.41 36.24
N ARG C 34 0.39 10.33 36.88
CA ARG C 34 0.13 9.26 37.83
C ARG C 34 -0.04 7.89 37.16
N SER C 35 -0.42 7.85 35.88
CA SER C 35 -0.69 6.60 35.20
C SER C 35 0.44 6.28 34.23
N PRO C 36 1.13 5.15 34.39
CA PRO C 36 2.18 4.79 33.43
C PRO C 36 1.67 4.66 32.00
N LEU C 37 0.44 4.18 31.82
CA LEU C 37 -0.15 4.13 30.49
C LEU C 37 -0.34 5.54 29.92
N ILE C 38 -0.77 6.47 30.77
CA ILE C 38 -0.91 7.87 30.34
C ILE C 38 0.44 8.46 29.97
N ARG C 39 1.49 8.05 30.70
CA ARG C 39 2.83 8.55 30.41
C ARG C 39 3.27 8.18 28.99
N ALA C 40 3.02 6.93 28.59
CA ALA C 40 3.35 6.51 27.23
C ALA C 40 2.48 7.24 26.21
N PHE C 41 1.20 7.45 26.53
CA PHE C 41 0.28 8.07 25.58
C PHE C 41 0.69 9.51 25.28
N VAL C 42 0.97 10.30 26.32
CA VAL C 42 1.34 11.69 26.10
C VAL C 42 2.71 11.78 25.43
N LEU C 43 3.63 10.87 25.79
CA LEU C 43 4.93 10.85 25.15
C LEU C 43 4.82 10.48 23.67
N SER C 44 3.98 9.49 23.36
CA SER C 44 3.77 9.12 21.96
C SER C 44 3.10 10.24 21.19
N ALA C 45 2.13 10.91 21.81
CA ALA C 45 1.47 12.04 21.14
C ALA C 45 2.45 13.17 20.86
N GLY C 46 3.32 13.47 21.83
CA GLY C 46 4.35 14.46 21.59
C GLY C 46 5.37 14.02 20.56
N VAL C 47 5.72 12.72 20.59
CA VAL C 47 6.65 12.20 19.60
C VAL C 47 6.02 12.20 18.21
N VAL C 48 4.72 11.90 18.14
CA VAL C 48 4.02 11.94 16.85
C VAL C 48 3.96 13.37 16.32
N LEU C 49 3.71 14.33 17.21
CA LEU C 49 3.58 15.72 16.78
C LEU C 49 4.88 16.24 16.18
N VAL C 50 6.00 15.98 16.85
CA VAL C 50 7.29 16.46 16.34
C VAL C 50 7.68 15.70 15.08
N ALA C 51 7.28 14.43 14.99
CA ALA C 51 7.62 13.64 13.79
C ALA C 51 6.95 14.22 12.55
N LEU C 52 5.67 14.56 12.64
CA LEU C 52 5.00 15.18 11.50
C LEU C 52 5.51 16.58 11.25
N PHE C 53 5.89 17.30 12.31
CA PHE C 53 6.48 18.62 12.14
C PHE C 53 7.79 18.54 11.36
N ALA C 54 8.63 17.53 11.67
CA ALA C 54 9.84 17.32 10.89
C ALA C 54 9.51 16.95 9.46
N ALA C 55 8.48 16.12 9.26
CA ALA C 55 8.05 15.77 7.91
C ALA C 55 7.56 17.00 7.16
N ALA C 56 6.81 17.87 7.82
CA ALA C 56 6.35 19.09 7.18
C ALA C 56 7.53 19.99 6.81
N LEU C 57 8.52 20.10 7.69
CA LEU C 57 9.72 20.87 7.37
C LEU C 57 10.47 20.25 6.20
N ALA C 58 10.57 18.92 6.17
CA ALA C 58 11.22 18.25 5.06
C ALA C 58 10.45 18.45 3.76
N TRP C 59 9.12 18.40 3.84
CA TRP C 59 8.30 18.65 2.65
C TRP C 59 8.49 20.07 2.14
N LEU C 60 8.56 21.05 3.06
CA LEU C 60 8.81 22.42 2.64
C LEU C 60 10.18 22.56 2.00
N TYR C 61 11.19 21.89 2.56
CA TYR C 61 12.53 21.95 1.98
C TYR C 61 12.57 21.29 0.62
N LEU C 62 11.79 20.20 0.43
CA LEU C 62 11.73 19.55 -0.87
C LEU C 62 11.16 20.48 -1.92
N ALA C 63 10.11 21.23 -1.57
CA ALA C 63 9.55 22.22 -2.49
C ALA C 63 10.56 23.33 -2.78
N ALA C 64 11.30 23.76 -1.76
CA ALA C 64 12.32 24.78 -1.96
C ALA C 64 13.43 24.29 -2.89
N ALA C 65 13.82 23.02 -2.74
CA ALA C 65 14.84 22.45 -3.62
C ALA C 65 14.36 22.41 -5.06
N LEU C 66 13.10 22.02 -5.28
CA LEU C 66 12.54 22.00 -6.62
C LEU C 66 12.28 23.41 -7.15
N LEU C 67 12.17 24.40 -6.26
CA LEU C 67 11.92 25.77 -6.70
C LEU C 67 13.08 26.33 -7.51
N GLY C 68 14.30 25.86 -7.24
CA GLY C 68 15.46 26.34 -7.97
C GLY C 68 15.62 25.81 -9.37
N ARG C 69 14.80 24.83 -9.76
CA ARG C 69 14.86 24.24 -11.09
C ARG C 69 13.63 24.55 -11.92
N SER C 70 12.44 24.23 -11.41
CA SER C 70 11.19 24.47 -12.12
C SER C 70 10.16 25.01 -11.13
N PRO C 71 9.49 26.12 -11.43
CA PRO C 71 8.49 26.64 -10.49
C PRO C 71 7.17 25.88 -10.57
N LEU C 72 6.80 25.43 -11.76
CA LEU C 72 5.58 24.65 -11.93
C LEU C 72 5.69 23.31 -11.20
N LEU C 73 6.85 22.66 -11.32
CA LEU C 73 7.06 21.38 -10.62
C LEU C 73 7.08 21.58 -9.11
N ALA C 74 7.66 22.69 -8.65
CA ALA C 74 7.71 22.97 -7.22
C ALA C 74 6.30 23.12 -6.63
N LEU C 75 5.42 23.82 -7.35
CA LEU C 75 4.05 23.98 -6.88
C LEU C 75 3.33 22.63 -6.82
N VAL C 76 3.54 21.79 -7.84
CA VAL C 76 2.94 20.45 -7.82
C VAL C 76 3.53 19.62 -6.69
N ALA C 77 4.84 19.70 -6.50
CA ALA C 77 5.48 18.96 -5.41
C ALA C 77 5.01 19.46 -4.05
N LEU C 78 4.87 20.79 -3.89
CA LEU C 78 4.37 21.33 -2.64
C LEU C 78 2.94 20.90 -2.37
N ALA C 79 2.09 20.89 -3.41
CA ALA C 79 0.72 20.42 -3.24
C ALA C 79 0.69 18.95 -2.88
N LEU C 80 1.53 18.13 -3.51
CA LEU C 80 1.60 16.71 -3.16
C LEU C 80 2.10 16.51 -1.74
N GLY C 81 3.11 17.29 -1.33
CA GLY C 81 3.59 17.18 0.03
C GLY C 81 2.56 17.60 1.06
N LEU C 82 1.81 18.67 0.76
CA LEU C 82 0.76 19.11 1.68
C LEU C 82 -0.34 18.06 1.80
N ILE C 83 -0.72 17.43 0.69
CA ILE C 83 -1.73 16.38 0.72
C ILE C 83 -1.23 15.19 1.53
N THR C 84 0.03 14.80 1.32
CA THR C 84 0.60 13.69 2.07
C THR C 84 0.68 14.02 3.56
N LEU C 85 1.06 15.25 3.89
CA LEU C 85 1.10 15.66 5.30
C LEU C 85 -0.29 15.66 5.91
N ALA C 86 -1.28 16.15 5.17
CA ALA C 86 -2.65 16.17 5.68
C ALA C 86 -3.18 14.75 5.88
N ALA C 87 -2.90 13.84 4.95
CA ALA C 87 -3.34 12.46 5.10
C ALA C 87 -2.68 11.80 6.30
N ALA C 88 -1.37 12.03 6.49
CA ALA C 88 -0.68 11.48 7.65
C ALA C 88 -1.20 12.09 8.94
N SER C 89 -1.50 13.40 8.93
CA SER C 89 -2.05 14.04 10.12
C SER C 89 -3.41 13.46 10.47
N ALA C 90 -4.23 13.16 9.47
CA ALA C 90 -5.51 12.53 9.73
C ALA C 90 -5.32 11.11 10.28
N ALA C 91 -4.27 10.41 9.84
CA ALA C 91 -4.03 9.06 10.30
C ALA C 91 -3.77 9.02 11.80
N MET C 92 -2.92 9.93 12.30
CA MET C 92 -2.62 9.95 13.73
C MET C 92 -3.80 10.46 14.53
N ALA C 93 -4.60 11.37 13.97
CA ALA C 93 -5.78 11.86 14.66
C ALA C 93 -6.81 10.75 14.86
N ALA C 94 -7.03 9.93 13.83
CA ALA C 94 -7.96 8.81 13.95
C ALA C 94 -7.46 7.79 14.97
N THR C 95 -6.16 7.50 14.95
CA THR C 95 -5.60 6.56 15.93
C THR C 95 -5.71 7.11 17.34
N PHE C 96 -5.43 8.41 17.52
CA PHE C 96 -5.56 9.02 18.84
C PHE C 96 -7.01 9.04 19.30
N ALA C 97 -7.94 9.36 18.40
CA ALA C 97 -9.35 9.34 18.75
C ALA C 97 -9.82 7.93 19.09
N HIS C 98 -9.37 6.93 18.31
CA HIS C 98 -9.75 5.56 18.60
C HIS C 98 -9.19 5.10 19.95
N LEU C 99 -7.95 5.48 20.26
CA LEU C 99 -7.37 5.14 21.55
C LEU C 99 -8.11 5.81 22.69
N LEU C 100 -8.50 7.07 22.49
CA LEU C 100 -9.23 7.79 23.52
C LEU C 100 -10.58 7.14 23.80
N LEU C 101 -11.28 6.69 22.75
CA LEU C 101 -12.55 6.00 22.94
C LEU C 101 -12.37 4.67 23.65
N GLU C 102 -11.24 4.00 23.42
CA GLU C 102 -10.95 2.73 24.07
C GLU C 102 -10.37 2.88 25.47
N ALA C 103 -10.00 4.11 25.86
CA ALA C 103 -9.47 4.34 27.19
C ALA C 103 -10.56 4.14 28.25
N PRO C 104 -10.17 3.69 29.44
CA PRO C 104 -11.15 3.52 30.52
C PRO C 104 -11.66 4.87 30.99
N PRO C 105 -12.88 4.92 31.55
CA PRO C 105 -13.46 6.21 31.97
C PRO C 105 -12.61 6.96 32.98
N GLU C 106 -11.94 6.23 33.87
CA GLU C 106 -11.06 6.87 34.84
C GLU C 106 -9.91 7.59 34.16
N TYR C 107 -9.31 6.98 33.14
CA TYR C 107 -8.22 7.60 32.40
C TYR C 107 -8.70 8.43 31.22
N ARG C 108 -9.94 8.22 30.77
CA ARG C 108 -10.44 8.94 29.60
C ARG C 108 -10.48 10.45 29.84
N GLU C 109 -10.69 10.87 31.09
CA GLU C 109 -10.69 12.29 31.40
C GLU C 109 -9.33 12.92 31.09
N ALA C 110 -8.25 12.24 31.49
CA ALA C 110 -6.92 12.72 31.17
C ALA C 110 -6.60 12.50 29.69
N MET C 111 -7.05 11.37 29.12
CA MET C 111 -6.78 11.09 27.72
C MET C 111 -7.46 12.09 26.79
N LEU C 112 -8.69 12.50 27.12
CA LEU C 112 -9.39 13.48 26.29
C LEU C 112 -8.72 14.84 26.33
N TYR C 113 -8.18 15.24 27.49
CA TYR C 113 -7.42 16.49 27.56
C TYR C 113 -6.18 16.43 26.68
N VAL C 114 -5.48 15.29 26.69
CA VAL C 114 -4.34 15.11 25.79
C VAL C 114 -4.82 15.09 24.34
N PHE C 115 -5.98 14.48 24.09
CA PHE C 115 -6.54 14.47 22.75
C PHE C 115 -6.87 15.87 22.28
N GLY C 116 -7.42 16.70 23.16
CA GLY C 116 -7.68 18.08 22.81
C GLY C 116 -6.41 18.86 22.54
N ILE C 117 -5.38 18.63 23.34
CA ILE C 117 -4.08 19.24 23.08
C ILE C 117 -3.51 18.73 21.76
N ALA C 118 -3.64 17.43 21.50
CA ALA C 118 -3.18 16.88 20.23
C ALA C 118 -3.97 17.46 19.06
N VAL C 119 -5.28 17.67 19.25
CA VAL C 119 -6.10 18.27 18.20
C VAL C 119 -5.64 19.69 17.92
N LEU C 120 -5.21 20.42 18.95
CA LEU C 120 -4.66 21.75 18.74
C LEU C 120 -3.38 21.70 17.91
N ILE C 121 -2.54 20.68 18.15
CA ILE C 121 -1.33 20.51 17.35
C ILE C 121 -1.69 20.22 15.90
N VAL C 122 -2.73 19.41 15.68
CA VAL C 122 -3.18 19.12 14.33
C VAL C 122 -3.67 20.40 13.66
N GLY C 123 -4.45 21.21 14.38
CA GLY C 123 -4.92 22.47 13.84
C GLY C 123 -3.79 23.43 13.53
N LEU C 124 -2.80 23.50 14.42
CA LEU C 124 -1.64 24.36 14.17
C LEU C 124 -0.85 23.87 12.95
N LEU C 125 -0.66 22.56 12.83
CA LEU C 125 0.04 22.01 11.68
C LEU C 125 -0.75 22.26 10.39
N LEU C 126 -2.07 22.06 10.44
CA LEU C 126 -2.91 22.26 9.27
C LEU C 126 -2.92 23.74 8.87
N LEU C 127 -3.02 24.64 9.85
CA LEU C 127 -3.03 26.07 9.55
C LEU C 127 -1.69 26.51 8.96
N GLY C 128 -0.59 26.01 9.52
CA GLY C 128 0.72 26.35 8.98
C GLY C 128 0.94 25.81 7.58
N LEU C 129 0.46 24.59 7.32
CA LEU C 129 0.66 23.98 6.02
C LEU C 129 -0.10 24.74 4.93
N VAL C 130 -1.36 25.08 5.18
CA VAL C 130 -2.14 25.80 4.18
C VAL C 130 -1.61 27.22 3.99
N TRP C 131 -1.16 27.86 5.07
CA TRP C 131 -0.58 29.20 4.95
C TRP C 131 0.72 29.17 4.15
N LEU C 132 1.57 28.17 4.42
CA LEU C 132 2.80 28.03 3.64
C LEU C 132 2.48 27.68 2.19
N LEU C 133 1.51 26.80 1.97
CA LEU C 133 1.10 26.46 0.61
C LEU C 133 0.53 27.66 -0.12
N GLU C 134 -0.29 28.46 0.57
CA GLU C 134 -0.88 29.64 -0.05
C GLU C 134 0.21 30.63 -0.45
N GLU C 135 1.21 30.84 0.40
CA GLU C 135 2.33 31.70 0.05
C GLU C 135 3.14 31.09 -1.10
N ALA C 136 3.30 29.78 -1.10
CA ALA C 136 4.04 29.11 -2.17
C ALA C 136 3.33 29.29 -3.52
N LEU C 137 2.01 29.12 -3.54
CA LEU C 137 1.27 29.32 -4.78
C LEU C 137 1.09 30.80 -5.09
N GLU C 138 1.25 31.68 -4.09
CA GLU C 138 1.18 33.10 -4.34
C GLU C 138 2.29 33.55 -5.29
N ALA C 139 3.49 32.98 -5.14
CA ALA C 139 4.58 33.29 -6.07
C ALA C 139 4.30 32.71 -7.44
N LEU C 140 3.51 31.64 -7.52
CA LEU C 140 3.12 31.10 -8.82
C LEU C 140 2.33 32.13 -9.63
N LEU C 141 1.55 32.96 -8.95
CA LEU C 141 0.92 34.08 -9.62
C LEU C 141 1.96 35.00 -10.23
N GLU C 142 3.02 35.29 -9.47
CA GLU C 142 4.11 36.09 -10.00
C GLU C 142 4.89 35.33 -11.08
N GLU C 143 5.07 34.02 -10.90
CA GLU C 143 5.78 33.23 -11.89
C GLU C 143 5.04 33.21 -13.22
N GLU C 144 3.72 33.04 -13.18
CA GLU C 144 2.93 33.07 -14.41
C GLU C 144 2.88 34.47 -14.98
N LYS C 145 2.78 35.49 -14.11
CA LYS C 145 2.78 36.87 -14.59
C LYS C 145 4.11 37.23 -15.23
N ARG C 146 5.21 36.73 -14.66
CA ARG C 146 6.52 36.98 -15.25
C ARG C 146 6.61 36.37 -16.65
N ARG C 147 6.07 35.16 -16.83
CA ARG C 147 6.03 34.56 -18.15
C ARG C 147 5.16 35.38 -19.10
N GLU C 148 4.03 35.87 -18.61
CA GLU C 148 3.17 36.73 -19.43
C GLU C 148 3.89 38.02 -19.79
N GLU C 149 4.62 38.61 -18.84
CA GLU C 149 5.38 39.81 -19.13
C GLU C 149 6.52 39.53 -20.09
N GLU C 150 7.13 38.34 -19.99
CA GLU C 150 8.23 37.98 -20.87
C GLU C 150 7.78 37.90 -22.33
N GLU C 151 6.61 37.30 -22.58
CA GLU C 151 6.12 37.18 -23.94
C GLU C 151 5.60 38.48 -24.51
N LYS C 152 5.40 39.50 -23.68
CA LYS C 152 4.89 40.78 -24.15
C LYS C 152 5.99 41.56 -24.89
N ALA D 2 -8.95 30.46 -19.88
CA ALA D 2 -8.32 31.63 -19.30
C ALA D 2 -8.97 32.01 -17.98
N GLU D 3 -10.28 31.78 -17.88
CA GLU D 3 -11.03 32.06 -16.67
C GLU D 3 -10.98 30.92 -15.67
N LEU D 4 -10.38 29.79 -16.02
CA LEU D 4 -10.26 28.68 -15.07
C LEU D 4 -9.42 29.06 -13.86
N ARG D 5 -8.28 29.71 -14.08
CA ARG D 5 -7.32 29.92 -13.00
C ARG D 5 -7.91 30.80 -11.91
N GLU D 6 -8.65 31.84 -12.28
CA GLU D 6 -9.35 32.65 -11.29
C GLU D 6 -10.45 31.85 -10.61
N ARG D 7 -11.13 30.99 -11.36
CA ARG D 7 -12.17 30.15 -10.76
C ARG D 7 -11.58 29.20 -9.72
N LEU D 8 -10.42 28.62 -10.03
CA LEU D 8 -9.77 27.71 -9.09
C LEU D 8 -9.38 28.43 -7.80
N LEU D 9 -8.88 29.67 -7.92
CA LEU D 9 -8.53 30.44 -6.73
C LEU D 9 -9.75 30.72 -5.88
N ARG D 10 -10.86 31.09 -6.52
CA ARG D 10 -12.09 31.34 -5.77
C ARG D 10 -12.62 30.07 -5.13
N ALA D 11 -12.55 28.94 -5.85
CA ALA D 11 -13.04 27.68 -5.30
C ALA D 11 -12.29 27.29 -4.04
N ALA D 12 -10.98 27.53 -4.01
CA ALA D 12 -10.20 27.28 -2.79
C ALA D 12 -10.68 28.17 -1.65
N ARG D 13 -11.03 29.42 -1.95
CA ARG D 13 -11.54 30.32 -0.92
C ARG D 13 -12.86 29.81 -0.35
N TRP D 14 -13.73 29.27 -1.20
CA TRP D 14 -14.97 28.68 -0.72
C TRP D 14 -14.69 27.48 0.18
N ILE D 15 -13.73 26.64 -0.21
CA ILE D 15 -13.40 25.45 0.58
C ILE D 15 -12.81 25.85 1.93
N LEU D 16 -11.86 26.79 1.91
CA LEU D 16 -11.22 27.22 3.16
C LEU D 16 -12.23 27.89 4.09
N LEU D 17 -13.11 28.73 3.53
CA LEU D 17 -14.15 29.35 4.34
C LEU D 17 -15.11 28.32 4.90
N LEU D 18 -15.48 27.32 4.09
CA LEU D 18 -16.36 26.25 4.56
C LEU D 18 -15.68 25.44 5.66
N GLY D 19 -14.38 25.17 5.51
CA GLY D 19 -13.67 24.43 6.54
C GLY D 19 -13.61 25.17 7.86
N LEU D 20 -13.48 26.49 7.80
CA LEU D 20 -13.49 27.29 9.04
C LEU D 20 -14.84 27.19 9.74
N LEU D 21 -15.93 27.20 8.96
CA LEU D 21 -17.26 27.05 9.55
C LEU D 21 -17.44 25.66 10.17
N VAL D 22 -16.91 24.64 9.51
CA VAL D 22 -17.06 23.27 10.01
C VAL D 22 -16.36 23.11 11.35
N LEU D 23 -15.12 23.59 11.46
CA LEU D 23 -14.40 23.48 12.72
C LEU D 23 -15.00 24.38 13.79
N VAL D 24 -15.59 25.52 13.40
CA VAL D 24 -16.26 26.38 14.36
C VAL D 24 -17.46 25.66 14.97
N GLY D 25 -18.25 24.98 14.12
CA GLY D 25 -19.36 24.20 14.63
C GLY D 25 -18.92 23.04 15.49
N PHE D 26 -17.84 22.36 15.08
CA PHE D 26 -17.31 21.26 15.86
C PHE D 26 -16.79 21.74 17.22
N VAL D 27 -16.15 22.90 17.25
CA VAL D 27 -15.66 23.45 18.50
C VAL D 27 -16.82 23.80 19.43
N VAL D 28 -17.93 24.27 18.87
CA VAL D 28 -19.09 24.60 19.69
C VAL D 28 -19.66 23.35 20.34
N LEU D 29 -19.73 22.24 19.60
CA LEU D 29 -20.24 20.99 20.16
C LEU D 29 -19.26 20.40 21.16
N ALA D 30 -17.96 20.54 20.91
CA ALA D 30 -16.94 20.02 21.83
C ALA D 30 -16.67 20.96 22.99
N TYR D 31 -17.23 22.17 22.99
CA TYR D 31 -16.97 23.12 24.07
C TYR D 31 -17.53 22.62 25.39
N LEU D 32 -18.73 22.03 25.38
CA LEU D 32 -19.36 21.61 26.62
C LEU D 32 -20.01 20.22 26.51
N GLU D 33 -19.49 19.35 25.66
CA GLU D 33 -20.01 17.99 25.56
C GLU D 33 -19.83 17.25 26.87
N ARG D 34 -20.88 16.55 27.32
CA ARG D 34 -20.85 15.88 28.61
C ARG D 34 -19.92 14.67 28.63
N SER D 35 -19.66 14.05 27.49
CA SER D 35 -18.86 12.85 27.43
C SER D 35 -17.47 13.15 26.88
N PRO D 36 -16.41 12.88 27.63
CA PRO D 36 -15.06 13.10 27.10
C PRO D 36 -14.76 12.30 25.84
N LEU D 37 -15.31 11.09 25.75
CA LEU D 37 -15.16 10.31 24.52
C LEU D 37 -15.86 10.98 23.35
N ILE D 38 -17.04 11.56 23.60
CA ILE D 38 -17.74 12.30 22.55
C ILE D 38 -16.96 13.53 22.14
N ARG D 39 -16.27 14.17 23.10
CA ARG D 39 -15.48 15.35 22.80
C ARG D 39 -14.38 15.02 21.79
N ALA D 40 -13.69 13.90 21.99
CA ALA D 40 -12.66 13.49 21.04
C ALA D 40 -13.27 13.12 19.68
N PHE D 41 -14.44 12.48 19.70
CA PHE D 41 -15.06 12.03 18.46
C PHE D 41 -15.46 13.20 17.58
N VAL D 42 -16.13 14.20 18.15
CA VAL D 42 -16.55 15.36 17.37
C VAL D 42 -15.35 16.18 16.93
N LEU D 43 -14.33 16.28 17.80
CA LEU D 43 -13.11 16.99 17.42
C LEU D 43 -12.39 16.28 16.27
N SER D 44 -12.30 14.95 16.34
CA SER D 44 -11.66 14.20 15.27
C SER D 44 -12.47 14.29 13.98
N ALA D 45 -13.80 14.25 14.08
CA ALA D 45 -14.63 14.40 12.89
C ALA D 45 -14.44 15.77 12.25
N GLY D 46 -14.39 16.83 13.07
CA GLY D 46 -14.12 18.15 12.54
C GLY D 46 -12.71 18.27 11.99
N VAL D 47 -11.74 17.64 12.65
CA VAL D 47 -10.36 17.66 12.16
C VAL D 47 -10.26 16.88 10.86
N VAL D 48 -10.99 15.77 10.76
CA VAL D 48 -10.98 14.97 9.52
C VAL D 48 -11.62 15.77 8.38
N LEU D 49 -12.71 16.49 8.68
CA LEU D 49 -13.41 17.23 7.64
C LEU D 49 -12.52 18.33 7.05
N VAL D 50 -11.84 19.10 7.90
CA VAL D 50 -10.99 20.17 7.41
C VAL D 50 -9.76 19.59 6.72
N ALA D 51 -9.28 18.42 7.17
CA ALA D 51 -8.12 17.81 6.53
C ALA D 51 -8.41 17.43 5.09
N LEU D 52 -9.56 16.80 4.83
CA LEU D 52 -9.93 16.48 3.47
C LEU D 52 -10.26 17.73 2.66
N PHE D 53 -10.82 18.75 3.31
CA PHE D 53 -11.06 20.01 2.62
C PHE D 53 -9.76 20.64 2.15
N ALA D 54 -8.72 20.61 3.01
CA ALA D 54 -7.41 21.10 2.59
C ALA D 54 -6.84 20.24 1.46
N ALA D 55 -7.05 18.92 1.53
CA ALA D 55 -6.59 18.05 0.46
C ALA D 55 -7.34 18.35 -0.84
N ALA D 56 -8.63 18.60 -0.76
CA ALA D 56 -9.40 18.97 -1.95
C ALA D 56 -8.91 20.28 -2.54
N LEU D 57 -8.62 21.27 -1.69
CA LEU D 57 -8.06 22.53 -2.17
C LEU D 57 -6.69 22.31 -2.80
N ALA D 58 -5.85 21.47 -2.19
CA ALA D 58 -4.55 21.17 -2.76
C ALA D 58 -4.70 20.45 -4.10
N TRP D 59 -5.65 19.52 -4.18
CA TRP D 59 -5.89 18.83 -5.44
C TRP D 59 -6.34 19.79 -6.53
N LEU D 60 -7.22 20.74 -6.18
CA LEU D 60 -7.66 21.75 -7.15
C LEU D 60 -6.49 22.62 -7.59
N TYR D 61 -5.62 23.00 -6.64
CA TYR D 61 -4.45 23.80 -7.00
C TYR D 61 -3.49 23.01 -7.89
N LEU D 62 -3.36 21.71 -7.65
CA LEU D 62 -2.50 20.89 -8.49
C LEU D 62 -3.01 20.84 -9.92
N ALA D 63 -4.33 20.74 -10.10
CA ALA D 63 -4.90 20.80 -11.44
C ALA D 63 -4.68 22.16 -12.08
N ALA D 64 -4.81 23.23 -11.28
CA ALA D 64 -4.58 24.57 -11.80
C ALA D 64 -3.12 24.75 -12.23
N ALA D 65 -2.19 24.19 -11.46
CA ALA D 65 -0.78 24.28 -11.83
C ALA D 65 -0.52 23.54 -13.14
N LEU D 66 -1.11 22.36 -13.31
CA LEU D 66 -0.95 21.63 -14.56
C LEU D 66 -1.71 22.27 -15.71
N LEU D 67 -2.71 23.10 -15.41
CA LEU D 67 -3.49 23.75 -16.47
C LEU D 67 -2.64 24.72 -17.27
N GLY D 68 -1.60 25.31 -16.66
CA GLY D 68 -0.75 26.25 -17.36
C GLY D 68 0.23 25.62 -18.32
N ARG D 69 0.36 24.29 -18.31
CA ARG D 69 1.29 23.59 -19.20
C ARG D 69 0.56 22.74 -20.23
N SER D 70 -0.31 21.84 -19.80
CA SER D 70 -1.06 20.97 -20.70
C SER D 70 -2.50 20.89 -20.22
N PRO D 71 -3.49 21.11 -21.09
CA PRO D 71 -4.88 21.02 -20.65
C PRO D 71 -5.37 19.58 -20.54
N LEU D 72 -4.90 18.71 -21.43
CA LEU D 72 -5.27 17.31 -21.36
C LEU D 72 -4.72 16.65 -20.10
N LEU D 73 -3.48 16.97 -19.73
CA LEU D 73 -2.90 16.43 -18.51
C LEU D 73 -3.61 16.97 -17.27
N ALA D 74 -4.02 18.23 -17.31
CA ALA D 74 -4.72 18.82 -16.18
C ALA D 74 -6.05 18.12 -15.92
N LEU D 75 -6.79 17.81 -16.99
CA LEU D 75 -8.05 17.10 -16.85
C LEU D 75 -7.82 15.71 -16.26
N VAL D 76 -6.79 15.01 -16.72
CA VAL D 76 -6.46 13.70 -16.18
C VAL D 76 -6.04 13.82 -14.72
N ALA D 77 -5.23 14.82 -14.41
CA ALA D 77 -4.79 15.04 -13.02
C ALA D 77 -5.98 15.40 -12.14
N LEU D 78 -6.88 16.25 -12.63
CA LEU D 78 -8.07 16.61 -11.86
C LEU D 78 -8.95 15.39 -11.61
N ALA D 79 -9.12 14.55 -12.62
CA ALA D 79 -9.91 13.34 -12.45
C ALA D 79 -9.26 12.39 -11.44
N LEU D 80 -7.93 12.26 -11.51
CA LEU D 80 -7.22 11.42 -10.55
C LEU D 80 -7.34 12.00 -9.14
N GLY D 81 -7.22 13.31 -9.01
CA GLY D 81 -7.37 13.93 -7.70
C GLY D 81 -8.77 13.78 -7.13
N LEU D 82 -9.78 13.91 -7.98
CA LEU D 82 -11.16 13.73 -7.54
C LEU D 82 -11.40 12.30 -7.07
N ILE D 83 -10.87 11.32 -7.81
CA ILE D 83 -11.02 9.93 -7.43
C ILE D 83 -10.32 9.66 -6.10
N THR D 84 -9.10 10.20 -5.94
CA THR D 84 -8.38 10.03 -4.69
C THR D 84 -9.13 10.68 -3.53
N LEU D 85 -9.68 11.87 -3.76
CA LEU D 85 -10.45 12.54 -2.71
C LEU D 85 -11.70 11.76 -2.37
N ALA D 86 -12.38 11.21 -3.37
CA ALA D 86 -13.59 10.42 -3.12
C ALA D 86 -13.25 9.15 -2.35
N ALA D 87 -12.16 8.49 -2.70
CA ALA D 87 -11.76 7.27 -1.99
C ALA D 87 -11.40 7.58 -0.55
N ALA D 88 -10.67 8.68 -0.31
CA ALA D 88 -10.34 9.08 1.05
C ALA D 88 -11.58 9.47 1.83
N SER D 89 -12.53 10.16 1.17
CA SER D 89 -13.77 10.53 1.83
C SER D 89 -14.57 9.30 2.24
N ALA D 90 -14.57 8.27 1.39
CA ALA D 90 -15.24 7.01 1.74
C ALA D 90 -14.54 6.33 2.90
N ALA D 91 -13.21 6.46 2.98
CA ALA D 91 -12.45 5.81 4.05
C ALA D 91 -12.86 6.36 5.41
N MET D 92 -12.97 7.69 5.54
CA MET D 92 -13.36 8.27 6.81
C MET D 92 -14.82 8.02 7.13
N ALA D 93 -15.67 7.95 6.10
CA ALA D 93 -17.08 7.66 6.33
C ALA D 93 -17.27 6.25 6.88
N ALA D 94 -16.54 5.27 6.33
CA ALA D 94 -16.64 3.91 6.83
C ALA D 94 -16.12 3.81 8.26
N THR D 95 -15.01 4.50 8.55
CA THR D 95 -14.49 4.49 9.92
C THR D 95 -15.45 5.15 10.89
N PHE D 96 -16.05 6.28 10.48
CA PHE D 96 -17.02 6.94 11.33
C PHE D 96 -18.26 6.08 11.54
N ALA D 97 -18.74 5.44 10.47
CA ALA D 97 -19.89 4.55 10.60
C ALA D 97 -19.58 3.35 11.48
N HIS D 98 -18.37 2.78 11.33
CA HIS D 98 -17.98 1.65 12.17
C HIS D 98 -17.88 2.07 13.64
N LEU D 99 -17.33 3.26 13.90
CA LEU D 99 -17.24 3.74 15.27
C LEU D 99 -18.62 4.01 15.85
N LEU D 100 -19.53 4.55 15.04
CA LEU D 100 -20.89 4.80 15.51
C LEU D 100 -21.60 3.50 15.88
N LEU D 101 -21.42 2.46 15.07
CA LEU D 101 -22.02 1.16 15.38
C LEU D 101 -21.43 0.56 16.66
N GLU D 102 -20.14 0.81 16.92
CA GLU D 102 -19.49 0.31 18.11
C GLU D 102 -19.73 1.18 19.34
N ALA D 103 -20.32 2.36 19.17
CA ALA D 103 -20.61 3.22 20.30
C ALA D 103 -21.71 2.62 21.17
N PRO D 104 -21.67 2.88 22.48
CA PRO D 104 -22.72 2.38 23.36
C PRO D 104 -24.05 3.07 23.08
N PRO D 105 -25.17 2.41 23.38
CA PRO D 105 -26.48 3.00 23.06
C PRO D 105 -26.71 4.36 23.72
N GLU D 106 -26.18 4.55 24.93
CA GLU D 106 -26.30 5.84 25.60
C GLU D 106 -25.61 6.94 24.83
N TYR D 107 -24.42 6.67 24.29
CA TYR D 107 -23.68 7.65 23.51
C TYR D 107 -24.01 7.59 22.02
N ARG D 108 -24.60 6.48 21.56
CA ARG D 108 -24.89 6.32 20.14
C ARG D 108 -25.86 7.39 19.64
N GLU D 109 -26.76 7.85 20.51
CA GLU D 109 -27.69 8.90 20.11
C GLU D 109 -26.95 10.18 19.74
N ALA D 110 -25.96 10.57 20.55
CA ALA D 110 -25.13 11.72 20.22
C ALA D 110 -24.17 11.40 19.07
N MET D 111 -23.63 10.18 19.04
CA MET D 111 -22.70 9.82 17.98
C MET D 111 -23.37 9.80 16.61
N LEU D 112 -24.62 9.32 16.55
CA LEU D 112 -25.34 9.30 15.28
C LEU D 112 -25.64 10.70 14.76
N TYR D 113 -25.95 11.63 15.66
CA TYR D 113 -26.14 13.02 15.25
C TYR D 113 -24.86 13.61 14.68
N VAL D 114 -23.72 13.31 15.30
CA VAL D 114 -22.43 13.72 14.75
C VAL D 114 -22.16 13.01 13.43
N PHE D 115 -22.55 11.74 13.34
CA PHE D 115 -22.39 11.00 12.09
C PHE D 115 -23.24 11.62 10.98
N GLY D 116 -24.47 12.02 11.30
CA GLY D 116 -25.29 12.71 10.31
C GLY D 116 -24.70 14.03 9.88
N ILE D 117 -24.15 14.79 10.84
CA ILE D 117 -23.46 16.03 10.50
C ILE D 117 -22.23 15.73 9.65
N ALA D 118 -21.47 14.69 10.02
CA ALA D 118 -20.32 14.29 9.22
C ALA D 118 -20.73 13.85 7.82
N VAL D 119 -21.87 13.15 7.72
CA VAL D 119 -22.37 12.73 6.41
C VAL D 119 -22.72 13.94 5.56
N LEU D 120 -23.25 15.00 6.19
CA LEU D 120 -23.52 16.24 5.46
C LEU D 120 -22.23 16.85 4.93
N ILE D 121 -21.15 16.79 5.71
CA ILE D 121 -19.87 17.30 5.26
C ILE D 121 -19.36 16.47 4.07
N VAL D 122 -19.56 15.16 4.13
CA VAL D 122 -19.18 14.30 3.00
C VAL D 122 -19.98 14.67 1.76
N GLY D 123 -21.28 14.88 1.92
CA GLY D 123 -22.10 15.27 0.79
C GLY D 123 -21.70 16.63 0.23
N LEU D 124 -21.40 17.59 1.11
CA LEU D 124 -20.94 18.90 0.66
C LEU D 124 -19.62 18.79 -0.08
N LEU D 125 -18.69 17.98 0.44
CA LEU D 125 -17.41 17.80 -0.22
C LEU D 125 -17.59 17.09 -1.57
N LEU D 126 -18.44 16.07 -1.60
CA LEU D 126 -18.68 15.34 -2.85
C LEU D 126 -19.36 16.24 -3.88
N LEU D 127 -20.34 17.02 -3.46
CA LEU D 127 -21.02 17.92 -4.39
C LEU D 127 -20.07 18.99 -4.92
N GLY D 128 -19.23 19.55 -4.05
CA GLY D 128 -18.27 20.53 -4.51
C GLY D 128 -17.23 19.95 -5.45
N LEU D 129 -16.77 18.72 -5.17
CA LEU D 129 -15.76 18.11 -6.01
C LEU D 129 -16.28 17.83 -7.41
N VAL D 130 -17.49 17.28 -7.52
CA VAL D 130 -18.04 16.96 -8.83
C VAL D 130 -18.38 18.24 -9.59
N TRP D 131 -18.87 19.27 -8.88
CA TRP D 131 -19.15 20.55 -9.53
C TRP D 131 -17.88 21.20 -10.04
N LEU D 132 -16.82 21.17 -9.23
CA LEU D 132 -15.54 21.72 -9.69
C LEU D 132 -14.97 20.90 -10.83
N LEU D 133 -15.09 19.57 -10.75
CA LEU D 133 -14.62 18.71 -11.83
C LEU D 133 -15.42 18.95 -13.10
N GLU D 134 -16.74 19.12 -12.98
CA GLU D 134 -17.57 19.36 -14.15
C GLU D 134 -17.19 20.68 -14.83
N GLU D 135 -16.94 21.73 -14.03
CA GLU D 135 -16.47 22.98 -14.59
C GLU D 135 -15.08 22.83 -15.21
N ALA D 136 -14.21 22.04 -14.57
CA ALA D 136 -12.88 21.81 -15.11
C ALA D 136 -12.94 21.10 -16.46
N LEU D 137 -13.78 20.08 -16.58
CA LEU D 137 -13.92 19.40 -17.86
C LEU D 137 -14.76 20.19 -18.84
N GLU D 138 -15.54 21.16 -18.34
CA GLU D 138 -16.29 22.03 -19.23
C GLU D 138 -15.36 22.84 -20.13
N ALA D 139 -14.24 23.32 -19.57
CA ALA D 139 -13.26 24.03 -20.39
C ALA D 139 -12.56 23.09 -21.36
N LEU D 140 -12.49 21.80 -21.04
CA LEU D 140 -11.93 20.83 -21.97
C LEU D 140 -12.75 20.78 -23.25
N LEU D 141 -14.06 20.99 -23.15
CA LEU D 141 -14.87 21.14 -24.36
C LEU D 141 -14.39 22.33 -25.17
N GLU D 142 -14.11 23.46 -24.51
CA GLU D 142 -13.56 24.61 -25.20
C GLU D 142 -12.13 24.35 -25.67
N GLU D 143 -11.34 23.62 -24.88
CA GLU D 143 -9.97 23.31 -25.29
C GLU D 143 -9.95 22.45 -26.54
N GLU D 144 -10.82 21.44 -26.60
CA GLU D 144 -10.90 20.61 -27.80
C GLU D 144 -11.50 21.38 -28.97
N LYS D 145 -12.50 22.23 -28.69
CA LYS D 145 -13.08 23.06 -29.75
C LYS D 145 -12.07 24.04 -30.30
N ARG D 146 -11.22 24.60 -29.42
CA ARG D 146 -10.18 25.51 -29.88
C ARG D 146 -9.20 24.80 -30.81
N ARG D 147 -8.83 23.56 -30.47
CA ARG D 147 -7.98 22.78 -31.35
C ARG D 147 -8.68 22.50 -32.68
N GLU D 148 -9.97 22.19 -32.64
CA GLU D 148 -10.73 21.98 -33.86
C GLU D 148 -10.81 23.26 -34.69
N GLU D 149 -11.00 24.40 -34.03
CA GLU D 149 -11.01 25.68 -34.74
C GLU D 149 -9.64 26.01 -35.30
N GLU D 150 -8.58 25.63 -34.58
CA GLU D 150 -7.22 25.92 -35.04
C GLU D 150 -6.91 25.18 -36.34
N GLU D 151 -7.29 23.91 -36.43
CA GLU D 151 -7.02 23.14 -37.63
C GLU D 151 -7.91 23.52 -38.81
N LYS D 152 -8.97 24.29 -38.58
CA LYS D 152 -9.85 24.72 -39.65
C LYS D 152 -9.20 25.79 -40.51
N ALA E 2 -15.21 8.99 -33.09
CA ALA E 2 -15.66 10.38 -33.05
C ALA E 2 -16.89 10.52 -32.17
N GLU E 3 -17.73 9.49 -32.16
CA GLU E 3 -18.93 9.49 -31.35
C GLU E 3 -18.69 9.01 -29.92
N LEU E 4 -17.47 8.57 -29.61
CA LEU E 4 -17.16 8.16 -28.24
C LEU E 4 -17.28 9.30 -27.25
N ARG E 5 -16.76 10.47 -27.60
CA ARG E 5 -16.64 11.56 -26.64
C ARG E 5 -18.02 12.03 -26.18
N GLU E 6 -18.98 12.13 -27.10
CA GLU E 6 -20.34 12.45 -26.72
C GLU E 6 -20.96 11.33 -25.90
N ARG E 7 -20.66 10.07 -26.24
CA ARG E 7 -21.17 8.95 -25.46
C ARG E 7 -20.65 8.99 -24.02
N LEU E 8 -19.37 9.32 -23.86
CA LEU E 8 -18.79 9.40 -22.51
C LEU E 8 -19.46 10.50 -21.69
N LEU E 9 -19.76 11.64 -22.32
CA LEU E 9 -20.43 12.72 -21.60
C LEU E 9 -21.83 12.29 -21.16
N ARG E 10 -22.55 11.60 -22.05
CA ARG E 10 -23.88 11.11 -21.69
C ARG E 10 -23.81 10.06 -20.60
N ALA E 11 -22.82 9.17 -20.66
CA ALA E 11 -22.69 8.12 -19.67
C ALA E 11 -22.47 8.70 -18.27
N ALA E 12 -21.68 9.78 -18.18
CA ALA E 12 -21.51 10.45 -16.90
C ALA E 12 -22.83 11.03 -16.40
N ARG E 13 -23.65 11.56 -17.30
CA ARG E 13 -24.96 12.08 -16.91
C ARG E 13 -25.84 10.98 -16.34
N TRP E 14 -25.80 9.78 -16.96
CA TRP E 14 -26.56 8.66 -16.42
C TRP E 14 -26.06 8.28 -15.02
N ILE E 15 -24.73 8.27 -14.83
CA ILE E 15 -24.18 7.90 -13.54
C ILE E 15 -24.54 8.94 -12.48
N LEU E 16 -24.38 10.22 -12.81
CA LEU E 16 -24.70 11.27 -11.85
C LEU E 16 -26.18 11.27 -11.50
N LEU E 17 -27.05 11.08 -12.50
CA LEU E 17 -28.49 11.01 -12.23
C LEU E 17 -28.81 9.78 -11.38
N LEU E 18 -28.17 8.64 -11.67
CA LEU E 18 -28.40 7.45 -10.87
C LEU E 18 -27.92 7.65 -9.43
N GLY E 19 -26.77 8.32 -9.26
CA GLY E 19 -26.28 8.58 -7.91
C GLY E 19 -27.22 9.47 -7.11
N LEU E 20 -27.85 10.44 -7.77
CA LEU E 20 -28.83 11.29 -7.09
C LEU E 20 -30.02 10.47 -6.62
N LEU E 21 -30.48 9.52 -7.44
CA LEU E 21 -31.59 8.66 -7.04
C LEU E 21 -31.20 7.76 -5.87
N VAL E 22 -29.96 7.26 -5.87
CA VAL E 22 -29.51 6.37 -4.81
C VAL E 22 -29.49 7.09 -3.47
N LEU E 23 -28.92 8.31 -3.45
CA LEU E 23 -28.88 9.06 -2.20
C LEU E 23 -30.27 9.53 -1.78
N VAL E 24 -31.16 9.79 -2.74
CA VAL E 24 -32.53 10.16 -2.41
C VAL E 24 -33.22 9.00 -1.70
N GLY E 25 -33.05 7.78 -2.22
CA GLY E 25 -33.62 6.62 -1.56
C GLY E 25 -33.00 6.37 -0.20
N PHE E 26 -31.69 6.55 -0.09
CA PHE E 26 -31.02 6.36 1.21
C PHE E 26 -31.49 7.40 2.22
N VAL E 27 -31.71 8.65 1.77
CA VAL E 27 -32.19 9.69 2.66
C VAL E 27 -33.60 9.36 3.15
N VAL E 28 -34.43 8.77 2.28
CA VAL E 28 -35.79 8.40 2.68
C VAL E 28 -35.75 7.33 3.77
N LEU E 29 -34.87 6.34 3.64
CA LEU E 29 -34.77 5.30 4.66
C LEU E 29 -34.15 5.83 5.95
N ALA E 30 -33.20 6.76 5.83
CA ALA E 30 -32.58 7.36 7.01
C ALA E 30 -33.40 8.48 7.62
N TYR E 31 -34.48 8.91 6.96
CA TYR E 31 -35.28 10.00 7.49
C TYR E 31 -35.96 9.63 8.80
N LEU E 32 -36.47 8.41 8.90
CA LEU E 32 -37.20 8.00 10.09
C LEU E 32 -36.85 6.60 10.57
N GLU E 33 -35.62 6.14 10.32
CA GLU E 33 -35.19 4.84 10.80
C GLU E 33 -35.18 4.81 12.32
N ARG E 34 -35.72 3.73 12.89
CA ARG E 34 -35.87 3.64 14.34
C ARG E 34 -34.55 3.46 15.07
N SER E 35 -33.53 2.93 14.40
CA SER E 35 -32.25 2.66 15.04
C SER E 35 -31.21 3.67 14.61
N PRO E 36 -30.62 4.42 15.54
CA PRO E 36 -29.56 5.36 15.15
C PRO E 36 -28.37 4.69 14.48
N LEU E 37 -28.03 3.48 14.90
CA LEU E 37 -26.97 2.73 14.23
C LEU E 37 -27.36 2.40 12.80
N ILE E 38 -28.63 2.04 12.57
CA ILE E 38 -29.09 1.77 11.22
C ILE E 38 -29.07 3.05 10.38
N ARG E 39 -29.34 4.19 11.01
CA ARG E 39 -29.31 5.46 10.29
C ARG E 39 -27.92 5.73 9.72
N ALA E 40 -26.88 5.50 10.51
CA ALA E 40 -25.52 5.69 10.03
C ALA E 40 -25.18 4.67 8.95
N PHE E 41 -25.65 3.43 9.10
CA PHE E 41 -25.32 2.38 8.15
C PHE E 41 -25.89 2.66 6.77
N VAL E 42 -27.18 3.03 6.71
CA VAL E 42 -27.79 3.31 5.42
C VAL E 42 -27.22 4.58 4.81
N LEU E 43 -26.91 5.57 5.65
CA LEU E 43 -26.28 6.80 5.16
C LEU E 43 -24.90 6.52 4.60
N SER E 44 -24.11 5.70 5.31
CA SER E 44 -22.78 5.35 4.82
C SER E 44 -22.86 4.53 3.54
N ALA E 45 -23.83 3.60 3.46
CA ALA E 45 -24.00 2.82 2.25
C ALA E 45 -24.37 3.70 1.06
N GLY E 46 -25.28 4.66 1.29
CA GLY E 46 -25.60 5.61 0.23
C GLY E 46 -24.44 6.52 -0.12
N VAL E 47 -23.67 6.93 0.89
CA VAL E 47 -22.50 7.77 0.64
C VAL E 47 -21.43 6.97 -0.09
N VAL E 48 -21.28 5.68 0.24
CA VAL E 48 -20.31 4.84 -0.45
C VAL E 48 -20.73 4.64 -1.90
N LEU E 49 -22.03 4.45 -2.14
CA LEU E 49 -22.51 4.19 -3.49
C LEU E 49 -22.25 5.39 -4.41
N VAL E 50 -22.56 6.60 -3.93
CA VAL E 50 -22.35 7.78 -4.76
C VAL E 50 -20.86 8.06 -4.92
N ALA E 51 -20.05 7.72 -3.91
CA ALA E 51 -18.62 7.95 -4.00
C ALA E 51 -18.00 7.11 -5.12
N LEU E 52 -18.36 5.83 -5.19
CA LEU E 52 -17.85 4.99 -6.28
C LEU E 52 -18.46 5.40 -7.62
N PHE E 53 -19.70 5.87 -7.62
CA PHE E 53 -20.29 6.38 -8.85
C PHE E 53 -19.53 7.59 -9.38
N ALA E 54 -19.14 8.49 -8.49
CA ALA E 54 -18.30 9.63 -8.90
C ALA E 54 -16.94 9.14 -9.39
N ALA E 55 -16.37 8.13 -8.73
CA ALA E 55 -15.11 7.57 -9.19
C ALA E 55 -15.25 6.92 -10.56
N ALA E 56 -16.36 6.21 -10.78
CA ALA E 56 -16.60 5.62 -12.10
C ALA E 56 -16.74 6.69 -13.17
N LEU E 57 -17.45 7.78 -12.86
CA LEU E 57 -17.57 8.89 -13.79
C LEU E 57 -16.21 9.53 -14.06
N ALA E 58 -15.40 9.70 -13.01
CA ALA E 58 -14.06 10.24 -13.19
C ALA E 58 -13.19 9.31 -14.02
N TRP E 59 -13.31 8.00 -13.79
CA TRP E 59 -12.55 7.03 -14.59
C TRP E 59 -12.97 7.08 -16.05
N LEU E 60 -14.27 7.21 -16.32
CA LEU E 60 -14.73 7.35 -17.70
C LEU E 60 -14.21 8.62 -18.33
N TYR E 61 -14.20 9.73 -17.58
CA TYR E 61 -13.67 10.98 -18.11
C TYR E 61 -12.18 10.88 -18.38
N LEU E 62 -11.45 10.15 -17.52
CA LEU E 62 -10.03 9.96 -17.75
C LEU E 62 -9.76 9.21 -19.05
N ALA E 63 -10.56 8.19 -19.33
CA ALA E 63 -10.44 7.48 -20.60
C ALA E 63 -10.79 8.38 -21.77
N ALA E 64 -11.82 9.22 -21.61
CA ALA E 64 -12.18 10.16 -22.66
C ALA E 64 -11.07 11.16 -22.92
N ALA E 65 -10.42 11.64 -21.86
CA ALA E 65 -9.31 12.57 -22.03
C ALA E 65 -8.15 11.92 -22.78
N LEU E 66 -7.84 10.67 -22.45
CA LEU E 66 -6.79 9.95 -23.16
C LEU E 66 -7.21 9.56 -24.57
N LEU E 67 -8.52 9.50 -24.84
CA LEU E 67 -8.98 9.13 -26.17
C LEU E 67 -8.59 10.16 -27.22
N GLY E 68 -8.44 11.43 -26.83
CA GLY E 68 -8.06 12.47 -27.76
C GLY E 68 -6.61 12.48 -28.16
N ARG E 69 -5.77 11.67 -27.52
CA ARG E 69 -4.35 11.60 -27.81
C ARG E 69 -3.95 10.25 -28.41
N SER E 70 -4.25 9.16 -27.72
CA SER E 70 -3.90 7.83 -28.20
C SER E 70 -5.09 6.89 -27.93
N PRO E 71 -5.55 6.14 -28.93
CA PRO E 71 -6.68 5.23 -28.69
C PRO E 71 -6.26 3.95 -27.98
N LEU E 72 -5.05 3.47 -28.28
CA LEU E 72 -4.55 2.28 -27.60
C LEU E 72 -4.34 2.54 -26.11
N LEU E 73 -3.78 3.71 -25.78
CA LEU E 73 -3.57 4.06 -24.38
C LEU E 73 -4.91 4.25 -23.67
N ALA E 74 -5.90 4.83 -24.35
CA ALA E 74 -7.21 5.03 -23.75
C ALA E 74 -7.86 3.71 -23.37
N LEU E 75 -7.76 2.72 -24.26
CA LEU E 75 -8.32 1.40 -23.95
C LEU E 75 -7.62 0.76 -22.76
N VAL E 76 -6.29 0.89 -22.69
CA VAL E 76 -5.56 0.37 -21.54
C VAL E 76 -5.95 1.12 -20.27
N ALA E 77 -6.05 2.45 -20.37
CA ALA E 77 -6.45 3.25 -19.21
C ALA E 77 -7.88 2.91 -18.78
N LEU E 78 -8.79 2.73 -19.74
CA LEU E 78 -10.16 2.36 -19.40
C LEU E 78 -10.20 1.00 -18.73
N ALA E 79 -9.43 0.04 -19.24
CA ALA E 79 -9.38 -1.29 -18.61
C ALA E 79 -8.80 -1.20 -17.20
N LEU E 80 -7.76 -0.39 -17.00
CA LEU E 80 -7.19 -0.22 -15.67
C LEU E 80 -8.19 0.46 -14.74
N GLY E 81 -8.90 1.46 -15.23
CA GLY E 81 -9.90 2.13 -14.41
C GLY E 81 -11.06 1.20 -14.04
N LEU E 82 -11.50 0.37 -14.98
CA LEU E 82 -12.56 -0.59 -14.69
C LEU E 82 -12.11 -1.60 -13.65
N ILE E 83 -10.87 -2.09 -13.75
CA ILE E 83 -10.35 -3.04 -12.77
C ILE E 83 -10.26 -2.38 -11.40
N THR E 84 -9.77 -1.14 -11.35
CA THR E 84 -9.69 -0.42 -10.07
C THR E 84 -11.08 -0.19 -9.49
N LEU E 85 -12.04 0.17 -10.33
CA LEU E 85 -13.41 0.36 -9.85
C LEU E 85 -14.00 -0.94 -9.34
N ALA E 86 -13.76 -2.05 -10.05
CA ALA E 86 -14.27 -3.34 -9.62
C ALA E 86 -13.65 -3.77 -8.30
N ALA E 87 -12.33 -3.55 -8.13
CA ALA E 87 -11.67 -3.90 -6.88
C ALA E 87 -12.20 -3.07 -5.73
N ALA E 88 -12.40 -1.76 -5.95
CA ALA E 88 -12.96 -0.91 -4.91
C ALA E 88 -14.40 -1.30 -4.60
N SER E 89 -15.18 -1.66 -5.62
CA SER E 89 -16.55 -2.10 -5.39
C SER E 89 -16.59 -3.38 -4.56
N ALA E 90 -15.66 -4.30 -4.81
CA ALA E 90 -15.58 -5.51 -4.00
C ALA E 90 -15.17 -5.18 -2.57
N ALA E 91 -14.34 -4.16 -2.39
CA ALA E 91 -13.90 -3.79 -1.05
C ALA E 91 -15.06 -3.34 -0.17
N MET E 92 -15.94 -2.50 -0.71
CA MET E 92 -17.08 -2.03 0.07
C MET E 92 -18.11 -3.13 0.26
N ALA E 93 -18.24 -4.03 -0.72
CA ALA E 93 -19.18 -5.15 -0.57
C ALA E 93 -18.76 -6.08 0.55
N ALA E 94 -17.45 -6.39 0.64
CA ALA E 94 -16.96 -7.24 1.71
C ALA E 94 -17.14 -6.57 3.07
N THR E 95 -16.86 -5.27 3.15
CA THR E 95 -17.06 -4.55 4.41
C THR E 95 -18.53 -4.52 4.80
N PHE E 96 -19.41 -4.28 3.83
CA PHE E 96 -20.85 -4.28 4.12
C PHE E 96 -21.33 -5.66 4.53
N ALA E 97 -20.85 -6.70 3.86
CA ALA E 97 -21.22 -8.07 4.24
C ALA E 97 -20.70 -8.43 5.62
N HIS E 98 -19.46 -8.02 5.92
CA HIS E 98 -18.89 -8.28 7.24
C HIS E 98 -19.68 -7.56 8.32
N LEU E 99 -20.06 -6.30 8.06
CA LEU E 99 -20.85 -5.56 9.03
C LEU E 99 -22.23 -6.18 9.22
N LEU E 100 -22.84 -6.66 8.14
CA LEU E 100 -24.15 -7.30 8.24
C LEU E 100 -24.08 -8.56 9.08
N LEU E 101 -23.02 -9.36 8.91
CA LEU E 101 -22.85 -10.56 9.71
C LEU E 101 -22.62 -10.23 11.18
N GLU E 102 -21.96 -9.10 11.46
CA GLU E 102 -21.71 -8.68 12.83
C GLU E 102 -22.89 -7.94 13.45
N ALA E 103 -23.91 -7.60 12.66
CA ALA E 103 -25.07 -6.91 13.18
C ALA E 103 -25.88 -7.84 14.09
N PRO E 104 -26.55 -7.31 15.09
CA PRO E 104 -27.38 -8.14 15.96
C PRO E 104 -28.60 -8.66 15.21
N PRO E 105 -29.16 -9.80 15.63
CA PRO E 105 -30.29 -10.40 14.90
C PRO E 105 -31.49 -9.46 14.78
N GLU E 106 -31.72 -8.65 15.81
CA GLU E 106 -32.83 -7.70 15.77
C GLU E 106 -32.63 -6.67 14.66
N TYR E 107 -31.41 -6.17 14.50
CA TYR E 107 -31.11 -5.21 13.44
C TYR E 107 -30.68 -5.86 12.14
N ARG E 108 -30.28 -7.14 12.19
CA ARG E 108 -29.80 -7.81 10.98
C ARG E 108 -30.88 -7.90 9.91
N GLU E 109 -32.14 -7.98 10.32
CA GLU E 109 -33.23 -8.02 9.35
C GLU E 109 -33.26 -6.73 8.52
N ALA E 110 -33.12 -5.59 9.18
CA ALA E 110 -33.04 -4.33 8.45
C ALA E 110 -31.70 -4.18 7.74
N MET E 111 -30.61 -4.63 8.37
CA MET E 111 -29.29 -4.51 7.75
C MET E 111 -29.20 -5.35 6.48
N LEU E 112 -29.77 -6.56 6.48
CA LEU E 112 -29.74 -7.40 5.29
C LEU E 112 -30.53 -6.79 4.13
N TYR E 113 -31.65 -6.13 4.43
CA TYR E 113 -32.39 -5.45 3.38
C TYR E 113 -31.57 -4.32 2.77
N VAL E 114 -30.86 -3.57 3.61
CA VAL E 114 -29.94 -2.54 3.11
C VAL E 114 -28.80 -3.18 2.35
N PHE E 115 -28.32 -4.33 2.83
CA PHE E 115 -27.27 -5.05 2.11
C PHE E 115 -27.75 -5.50 0.74
N GLY E 116 -28.98 -5.99 0.66
CA GLY E 116 -29.53 -6.36 -0.64
C GLY E 116 -29.68 -5.17 -1.57
N ILE E 117 -30.12 -4.03 -1.02
CA ILE E 117 -30.19 -2.80 -1.82
C ILE E 117 -28.79 -2.37 -2.24
N ALA E 118 -27.82 -2.47 -1.33
CA ALA E 118 -26.44 -2.14 -1.67
C ALA E 118 -25.91 -3.10 -2.73
N VAL E 119 -26.26 -4.37 -2.64
CA VAL E 119 -25.83 -5.35 -3.64
C VAL E 119 -26.41 -5.00 -5.01
N LEU E 120 -27.64 -4.49 -5.03
CA LEU E 120 -28.22 -4.02 -6.29
C LEU E 120 -27.43 -2.85 -6.88
N ILE E 121 -26.96 -1.95 -6.01
CA ILE E 121 -26.13 -0.84 -6.47
C ILE E 121 -24.82 -1.36 -7.04
N VAL E 122 -24.24 -2.37 -6.40
CA VAL E 122 -23.01 -2.98 -6.91
C VAL E 122 -23.26 -3.60 -8.27
N GLY E 123 -24.38 -4.33 -8.42
CA GLY E 123 -24.71 -4.91 -9.70
C GLY E 123 -24.95 -3.87 -10.78
N LEU E 124 -25.65 -2.79 -10.43
CA LEU E 124 -25.87 -1.70 -11.39
C LEU E 124 -24.55 -1.06 -11.80
N LEU E 125 -23.67 -0.82 -10.83
CA LEU E 125 -22.36 -0.25 -11.14
C LEU E 125 -21.53 -1.19 -11.99
N LEU E 126 -21.54 -2.48 -11.64
CA LEU E 126 -20.78 -3.46 -12.42
C LEU E 126 -21.33 -3.59 -13.84
N LEU E 127 -22.66 -3.62 -13.98
CA LEU E 127 -23.26 -3.74 -15.31
C LEU E 127 -22.95 -2.51 -16.14
N GLY E 128 -23.04 -1.32 -15.54
CA GLY E 128 -22.72 -0.10 -16.28
C GLY E 128 -21.25 -0.03 -16.67
N LEU E 129 -20.35 -0.47 -15.78
CA LEU E 129 -18.93 -0.41 -16.08
C LEU E 129 -18.55 -1.32 -17.24
N VAL E 130 -19.05 -2.56 -17.24
CA VAL E 130 -18.71 -3.49 -18.31
C VAL E 130 -19.36 -3.06 -19.62
N TRP E 131 -20.58 -2.52 -19.56
CA TRP E 131 -21.24 -2.02 -20.77
C TRP E 131 -20.49 -0.84 -21.35
N LEU E 132 -20.06 0.10 -20.49
CA LEU E 132 -19.26 1.22 -20.97
C LEU E 132 -17.90 0.76 -21.49
N LEU E 133 -17.28 -0.20 -20.81
CA LEU E 133 -16.01 -0.73 -21.28
C LEU E 133 -16.17 -1.46 -22.61
N GLU E 134 -17.26 -2.23 -22.76
CA GLU E 134 -17.50 -2.94 -24.00
C GLU E 134 -17.68 -1.96 -25.16
N GLU E 135 -18.43 -0.87 -24.94
CA GLU E 135 -18.56 0.15 -25.96
C GLU E 135 -17.23 0.84 -26.23
N ALA E 136 -16.44 1.07 -25.18
CA ALA E 136 -15.14 1.70 -25.36
C ALA E 136 -14.21 0.83 -26.20
N LEU E 137 -14.19 -0.47 -25.93
CA LEU E 137 -13.35 -1.36 -26.73
C LEU E 137 -13.99 -1.66 -28.09
N GLU E 138 -15.30 -1.42 -28.22
CA GLU E 138 -15.95 -1.58 -29.52
C GLU E 138 -15.36 -0.63 -30.55
N ALA E 139 -15.07 0.61 -30.13
CA ALA E 139 -14.43 1.56 -31.05
C ALA E 139 -12.99 1.15 -31.35
N LEU E 140 -12.35 0.41 -30.44
CA LEU E 140 -11.02 -0.10 -30.73
C LEU E 140 -11.03 -1.04 -31.93
N LEU E 141 -12.12 -1.78 -32.12
CA LEU E 141 -12.28 -2.54 -33.35
C LEU E 141 -12.27 -1.62 -34.56
N GLU E 142 -12.98 -0.49 -34.47
CA GLU E 142 -12.95 0.49 -35.55
C GLU E 142 -11.59 1.17 -35.64
N GLU E 143 -10.95 1.42 -34.50
CA GLU E 143 -9.63 2.05 -34.51
C GLU E 143 -8.60 1.16 -35.19
N GLU E 144 -8.62 -0.14 -34.89
CA GLU E 144 -7.71 -1.07 -35.54
C GLU E 144 -8.07 -1.27 -37.00
N LYS E 145 -9.37 -1.31 -37.30
CA LYS E 145 -9.82 -1.44 -38.68
C LYS E 145 -9.42 -0.21 -39.49
N ARG E 146 -9.50 0.98 -38.89
CA ARG E 146 -9.08 2.20 -39.58
C ARG E 146 -7.59 2.15 -39.91
N ARG E 147 -6.78 1.65 -38.98
CA ARG E 147 -5.35 1.49 -39.25
C ARG E 147 -5.14 0.47 -40.37
N GLU E 148 -5.90 -0.63 -40.35
CA GLU E 148 -5.81 -1.61 -41.43
C GLU E 148 -6.24 -1.01 -42.77
N GLU E 149 -7.30 -0.20 -42.77
CA GLU E 149 -7.72 0.46 -43.99
C GLU E 149 -6.69 1.49 -44.45
N GLU E 150 -6.03 2.15 -43.49
CA GLU E 150 -5.04 3.16 -43.85
C GLU E 150 -3.84 2.55 -44.58
N GLU E 151 -3.37 1.39 -44.11
CA GLU E 151 -2.23 0.74 -44.74
C GLU E 151 -2.58 0.09 -46.07
N LYS E 152 -3.86 -0.06 -46.38
CA LYS E 152 -4.29 -0.67 -47.64
C LYS E 152 -4.06 0.28 -48.81
N ALA F 2 -2.00 -13.05 -35.19
CA ALA F 2 -3.13 -12.46 -35.87
C ALA F 2 -4.45 -13.01 -35.34
N GLU F 3 -4.44 -14.28 -34.93
CA GLU F 3 -5.62 -14.93 -34.38
C GLU F 3 -5.77 -14.69 -32.88
N LEU F 4 -4.80 -14.02 -32.25
CA LEU F 4 -4.92 -13.72 -30.82
C LEU F 4 -6.10 -12.81 -30.53
N ARG F 5 -6.26 -11.75 -31.33
CA ARG F 5 -7.23 -10.71 -31.00
C ARG F 5 -8.65 -11.25 -30.99
N GLU F 6 -8.97 -12.10 -31.97
CA GLU F 6 -10.28 -12.77 -31.98
C GLU F 6 -10.39 -13.73 -30.80
N ARG F 7 -9.31 -14.42 -30.44
CA ARG F 7 -9.35 -15.31 -29.29
C ARG F 7 -9.61 -14.55 -28.00
N LEU F 8 -8.98 -13.38 -27.85
CA LEU F 8 -9.20 -12.57 -26.66
C LEU F 8 -10.65 -12.12 -26.55
N LEU F 9 -11.26 -11.73 -27.68
CA LEU F 9 -12.66 -11.32 -27.67
C LEU F 9 -13.56 -12.48 -27.25
N ARG F 10 -13.29 -13.67 -27.78
CA ARG F 10 -14.09 -14.84 -27.40
C ARG F 10 -13.88 -15.19 -25.93
N ALA F 11 -12.64 -15.09 -25.44
CA ALA F 11 -12.37 -15.43 -24.06
C ALA F 11 -13.14 -14.53 -23.10
N ALA F 12 -13.27 -13.24 -23.44
CA ALA F 12 -14.08 -12.35 -22.63
C ALA F 12 -15.54 -12.77 -22.64
N ARG F 13 -16.04 -13.24 -23.79
CA ARG F 13 -17.42 -13.71 -23.86
C ARG F 13 -17.63 -14.93 -22.96
N TRP F 14 -16.65 -15.83 -22.90
CA TRP F 14 -16.74 -16.97 -21.99
C TRP F 14 -16.77 -16.50 -20.53
N ILE F 15 -15.93 -15.52 -20.20
CA ILE F 15 -15.87 -15.02 -18.82
C ILE F 15 -17.16 -14.32 -18.45
N LEU F 16 -17.68 -13.46 -19.33
CA LEU F 16 -18.92 -12.75 -19.04
C LEU F 16 -20.09 -13.71 -18.93
N LEU F 17 -20.16 -14.71 -19.82
CA LEU F 17 -21.22 -15.71 -19.73
C LEU F 17 -21.10 -16.52 -18.44
N LEU F 18 -19.87 -16.88 -18.07
CA LEU F 18 -19.66 -17.61 -16.81
C LEU F 18 -20.06 -16.77 -15.62
N GLY F 19 -19.73 -15.47 -15.65
CA GLY F 19 -20.11 -14.60 -14.54
C GLY F 19 -21.61 -14.48 -14.39
N LEU F 20 -22.34 -14.46 -15.50
CA LEU F 20 -23.81 -14.42 -15.45
C LEU F 20 -24.36 -15.68 -14.79
N LEU F 21 -23.77 -16.84 -15.11
CA LEU F 21 -24.22 -18.08 -14.48
C LEU F 21 -23.90 -18.08 -12.99
N VAL F 22 -22.76 -17.54 -12.60
CA VAL F 22 -22.38 -17.53 -11.18
C VAL F 22 -23.35 -16.69 -10.37
N LEU F 23 -23.68 -15.49 -10.86
CA LEU F 23 -24.61 -14.64 -10.14
C LEU F 23 -26.02 -15.21 -10.17
N VAL F 24 -26.39 -15.91 -11.24
CA VAL F 24 -27.70 -16.56 -11.30
C VAL F 24 -27.80 -17.63 -10.22
N GLY F 25 -26.76 -18.44 -10.06
CA GLY F 25 -26.76 -19.43 -9.00
C GLY F 25 -26.75 -18.81 -7.62
N PHE F 26 -25.99 -17.72 -7.44
CA PHE F 26 -25.97 -17.03 -6.16
C PHE F 26 -27.33 -16.43 -5.84
N VAL F 27 -28.01 -15.88 -6.85
CA VAL F 27 -29.34 -15.31 -6.63
C VAL F 27 -30.33 -16.39 -6.23
N VAL F 28 -30.19 -17.60 -6.81
CA VAL F 28 -31.08 -18.70 -6.45
C VAL F 28 -30.90 -19.09 -4.99
N LEU F 29 -29.66 -19.14 -4.52
CA LEU F 29 -29.41 -19.49 -3.12
C LEU F 29 -29.84 -18.37 -2.18
N ALA F 30 -29.68 -17.11 -2.60
CA ALA F 30 -30.09 -15.97 -1.79
C ALA F 30 -31.57 -15.65 -1.91
N TYR F 31 -32.29 -16.31 -2.82
CA TYR F 31 -33.70 -16.03 -3.00
C TYR F 31 -34.52 -16.41 -1.76
N LEU F 32 -34.20 -17.55 -1.15
CA LEU F 32 -34.98 -18.02 -0.01
C LEU F 32 -34.11 -18.56 1.12
N GLU F 33 -32.89 -18.06 1.28
CA GLU F 33 -32.04 -18.48 2.39
C GLU F 33 -32.66 -18.10 3.72
N ARG F 34 -32.65 -19.03 4.66
CA ARG F 34 -33.32 -18.82 5.94
C ARG F 34 -32.60 -17.81 6.82
N SER F 35 -31.30 -17.61 6.63
CA SER F 35 -30.53 -16.72 7.48
C SER F 35 -30.21 -15.43 6.74
N PRO F 36 -30.63 -14.27 7.26
CA PRO F 36 -30.27 -13.00 6.61
C PRO F 36 -28.78 -12.78 6.49
N LEU F 37 -28.02 -13.23 7.49
CA LEU F 37 -26.56 -13.13 7.40
C LEU F 37 -26.03 -14.01 6.27
N ILE F 38 -26.60 -15.20 6.09
CA ILE F 38 -26.20 -16.06 4.98
C ILE F 38 -26.56 -15.42 3.65
N ARG F 39 -27.69 -14.70 3.60
CA ARG F 39 -28.10 -14.04 2.37
C ARG F 39 -27.06 -13.02 1.91
N ALA F 40 -26.55 -12.22 2.85
CA ALA F 40 -25.50 -11.27 2.52
C ALA F 40 -24.21 -11.97 2.11
N PHE F 41 -23.89 -13.08 2.78
CA PHE F 41 -22.63 -13.79 2.51
C PHE F 41 -22.62 -14.36 1.10
N VAL F 42 -23.69 -15.05 0.72
CA VAL F 42 -23.74 -15.64 -0.62
C VAL F 42 -23.82 -14.56 -1.69
N LEU F 43 -24.54 -13.47 -1.40
CA LEU F 43 -24.61 -12.36 -2.35
C LEU F 43 -23.24 -11.70 -2.52
N SER F 44 -22.52 -11.50 -1.41
CA SER F 44 -21.19 -10.90 -1.50
C SER F 44 -20.23 -11.84 -2.22
N ALA F 45 -20.33 -13.14 -1.96
CA ALA F 45 -19.48 -14.11 -2.67
C ALA F 45 -19.75 -14.09 -4.15
N GLY F 46 -21.02 -14.04 -4.55
CA GLY F 46 -21.36 -13.94 -5.95
C GLY F 46 -20.93 -12.61 -6.55
N VAL F 47 -21.07 -11.52 -5.78
CA VAL F 47 -20.64 -10.21 -6.25
C VAL F 47 -19.12 -10.17 -6.37
N VAL F 48 -18.41 -10.81 -5.44
CA VAL F 48 -16.95 -10.87 -5.52
C VAL F 48 -16.51 -11.68 -6.73
N LEU F 49 -17.20 -12.78 -7.00
CA LEU F 49 -16.81 -13.65 -8.12
C LEU F 49 -16.94 -12.92 -9.46
N VAL F 50 -18.06 -12.22 -9.66
CA VAL F 50 -18.25 -11.51 -10.93
C VAL F 50 -17.32 -10.31 -11.02
N ALA F 51 -16.99 -9.70 -9.87
CA ALA F 51 -16.08 -8.56 -9.88
C ALA F 51 -14.69 -8.96 -10.36
N LEU F 52 -14.16 -10.08 -9.86
CA LEU F 52 -12.87 -10.55 -10.34
C LEU F 52 -12.95 -11.06 -11.77
N PHE F 53 -14.09 -11.63 -12.16
CA PHE F 53 -14.28 -12.05 -13.54
C PHE F 53 -14.22 -10.84 -14.48
N ALA F 54 -14.86 -9.74 -14.10
CA ALA F 54 -14.76 -8.52 -14.89
C ALA F 54 -13.33 -8.00 -14.92
N ALA F 55 -12.63 -8.08 -13.79
CA ALA F 55 -11.22 -7.67 -13.75
C ALA F 55 -10.37 -8.55 -14.65
N ALA F 56 -10.63 -9.87 -14.65
CA ALA F 56 -9.90 -10.76 -15.53
C ALA F 56 -10.17 -10.45 -16.99
N LEU F 57 -11.42 -10.15 -17.34
CA LEU F 57 -11.75 -9.76 -18.70
C LEU F 57 -11.07 -8.45 -19.06
N ALA F 58 -11.06 -7.49 -18.14
CA ALA F 58 -10.36 -6.22 -18.39
C ALA F 58 -8.86 -6.44 -18.54
N TRP F 59 -8.28 -7.32 -17.73
CA TRP F 59 -6.86 -7.62 -17.86
C TRP F 59 -6.56 -8.27 -19.21
N LEU F 60 -7.42 -9.17 -19.66
CA LEU F 60 -7.23 -9.78 -20.98
C LEU F 60 -7.35 -8.74 -22.09
N TYR F 61 -8.30 -7.81 -21.97
CA TYR F 61 -8.44 -6.76 -22.96
C TYR F 61 -7.23 -5.83 -22.96
N LEU F 62 -6.67 -5.57 -21.77
CA LEU F 62 -5.47 -4.73 -21.69
C LEU F 62 -4.30 -5.37 -22.43
N ALA F 63 -4.14 -6.69 -22.28
CA ALA F 63 -3.10 -7.40 -23.02
C ALA F 63 -3.37 -7.36 -24.52
N ALA F 64 -4.65 -7.50 -24.91
CA ALA F 64 -4.99 -7.43 -26.33
C ALA F 64 -4.70 -6.04 -26.89
N ALA F 65 -4.98 -4.99 -26.12
CA ALA F 65 -4.67 -3.64 -26.57
C ALA F 65 -3.18 -3.45 -26.77
N LEU F 66 -2.37 -3.95 -25.83
CA LEU F 66 -0.92 -3.86 -25.98
C LEU F 66 -0.39 -4.79 -27.06
N LEU F 67 -1.15 -5.82 -27.44
CA LEU F 67 -0.69 -6.74 -28.47
C LEU F 67 -0.57 -6.06 -29.83
N GLY F 68 -1.37 -5.02 -30.08
CA GLY F 68 -1.33 -4.32 -31.35
C GLY F 68 -0.15 -3.39 -31.51
N ARG F 69 0.62 -3.15 -30.45
CA ARG F 69 1.78 -2.27 -30.51
C ARG F 69 3.08 -3.02 -30.33
N SER F 70 3.23 -3.77 -29.24
CA SER F 70 4.45 -4.53 -28.95
C SER F 70 4.06 -5.90 -28.43
N PRO F 71 4.60 -6.99 -28.99
CA PRO F 71 4.25 -8.32 -28.49
C PRO F 71 4.97 -8.67 -27.21
N LEU F 72 6.22 -8.22 -27.07
CA LEU F 72 6.98 -8.46 -25.84
C LEU F 72 6.35 -7.74 -24.66
N LEU F 73 5.91 -6.49 -24.87
CA LEU F 73 5.25 -5.75 -23.80
C LEU F 73 3.90 -6.39 -23.44
N ALA F 74 3.19 -6.89 -24.43
CA ALA F 74 1.89 -7.52 -24.17
C ALA F 74 2.05 -8.76 -23.30
N LEU F 75 3.08 -9.57 -23.56
CA LEU F 75 3.33 -10.75 -22.74
C LEU F 75 3.68 -10.36 -21.31
N VAL F 76 4.49 -9.32 -21.14
CA VAL F 76 4.82 -8.84 -19.80
C VAL F 76 3.57 -8.29 -19.11
N ALA F 77 2.78 -7.52 -19.85
CA ALA F 77 1.54 -6.98 -19.28
C ALA F 77 0.56 -8.10 -18.93
N LEU F 78 0.45 -9.11 -19.79
CA LEU F 78 -0.43 -10.23 -19.48
C LEU F 78 0.04 -10.99 -18.24
N ALA F 79 1.35 -11.20 -18.12
CA ALA F 79 1.89 -11.86 -16.94
C ALA F 79 1.64 -11.04 -15.68
N LEU F 80 1.82 -9.71 -15.78
CA LEU F 80 1.55 -8.85 -14.63
C LEU F 80 0.07 -8.87 -14.27
N GLY F 81 -0.81 -8.84 -15.28
CA GLY F 81 -2.24 -8.91 -15.01
C GLY F 81 -2.66 -10.23 -14.38
N LEU F 82 -2.07 -11.34 -14.86
CA LEU F 82 -2.37 -12.63 -14.28
C LEU F 82 -1.92 -12.72 -12.83
N ILE F 83 -0.73 -12.18 -12.53
CA ILE F 83 -0.24 -12.18 -11.17
C ILE F 83 -1.14 -11.32 -10.27
N THR F 84 -1.54 -10.15 -10.76
CA THR F 84 -2.44 -9.30 -10.00
C THR F 84 -3.79 -9.97 -9.77
N LEU F 85 -4.31 -10.64 -10.80
CA LEU F 85 -5.58 -11.35 -10.65
C LEU F 85 -5.45 -12.50 -9.64
N ALA F 86 -4.33 -13.23 -9.70
CA ALA F 86 -4.11 -14.33 -8.76
C ALA F 86 -3.99 -13.83 -7.33
N ALA F 87 -3.28 -12.71 -7.13
CA ALA F 87 -3.14 -12.14 -5.80
C ALA F 87 -4.49 -11.67 -5.26
N ALA F 88 -5.29 -11.02 -6.11
CA ALA F 88 -6.61 -10.58 -5.68
C ALA F 88 -7.52 -11.77 -5.41
N SER F 89 -7.41 -12.83 -6.22
CA SER F 89 -8.21 -14.03 -5.99
C SER F 89 -7.84 -14.68 -4.66
N ALA F 90 -6.56 -14.69 -4.31
CA ALA F 90 -6.14 -15.21 -3.02
C ALA F 90 -6.66 -14.34 -1.88
N ALA F 91 -6.75 -13.03 -2.11
CA ALA F 91 -7.22 -12.12 -1.07
C ALA F 91 -8.66 -12.43 -0.67
N MET F 92 -9.54 -12.64 -1.66
CA MET F 92 -10.93 -12.93 -1.35
C MET F 92 -11.09 -14.34 -0.78
N ALA F 93 -10.24 -15.28 -1.21
CA ALA F 93 -10.31 -16.63 -0.67
C ALA F 93 -9.94 -16.65 0.82
N ALA F 94 -8.90 -15.90 1.19
CA ALA F 94 -8.51 -15.83 2.61
C ALA F 94 -9.60 -15.17 3.44
N THR F 95 -10.20 -14.10 2.92
CA THR F 95 -11.29 -13.44 3.63
C THR F 95 -12.49 -14.36 3.77
N PHE F 96 -12.84 -15.08 2.70
CA PHE F 96 -13.95 -16.02 2.77
C PHE F 96 -13.65 -17.15 3.74
N ALA F 97 -12.43 -17.67 3.71
CA ALA F 97 -12.06 -18.74 4.64
C ALA F 97 -12.07 -18.23 6.08
N HIS F 98 -11.58 -17.02 6.31
CA HIS F 98 -11.59 -16.45 7.65
C HIS F 98 -13.02 -16.24 8.15
N LEU F 99 -13.90 -15.76 7.27
CA LEU F 99 -15.29 -15.58 7.66
C LEU F 99 -15.97 -16.91 7.94
N LEU F 100 -15.65 -17.95 7.16
CA LEU F 100 -16.23 -19.26 7.39
C LEU F 100 -15.79 -19.82 8.75
N LEU F 101 -14.52 -19.64 9.10
CA LEU F 101 -14.05 -20.10 10.41
C LEU F 101 -14.70 -19.33 11.55
N GLU F 102 -15.03 -18.05 11.33
CA GLU F 102 -15.68 -17.25 12.35
C GLU F 102 -17.19 -17.44 12.38
N ALA F 103 -17.76 -18.13 11.40
CA ALA F 103 -19.19 -18.38 11.38
C ALA F 103 -19.58 -19.32 12.51
N PRO F 104 -20.80 -19.18 13.04
CA PRO F 104 -21.25 -20.09 14.09
C PRO F 104 -21.48 -21.48 13.53
N PRO F 105 -21.38 -22.53 14.38
CA PRO F 105 -21.50 -23.90 13.88
C PRO F 105 -22.83 -24.18 13.19
N GLU F 106 -23.90 -23.54 13.67
CA GLU F 106 -25.21 -23.71 13.02
C GLU F 106 -25.20 -23.19 11.59
N TYR F 107 -24.57 -22.04 11.36
CA TYR F 107 -24.48 -21.47 10.02
C TYR F 107 -23.25 -21.94 9.26
N ARG F 108 -22.24 -22.47 9.97
CA ARG F 108 -21.01 -22.89 9.31
C ARG F 108 -21.25 -23.99 8.29
N GLU F 109 -22.25 -24.85 8.52
CA GLU F 109 -22.58 -25.89 7.56
C GLU F 109 -23.00 -25.29 6.23
N ALA F 110 -23.85 -24.26 6.26
CA ALA F 110 -24.22 -23.57 5.03
C ALA F 110 -23.07 -22.70 4.51
N MET F 111 -22.32 -22.07 5.40
CA MET F 111 -21.21 -21.22 4.99
C MET F 111 -20.12 -22.03 4.30
N LEU F 112 -19.82 -23.23 4.80
CA LEU F 112 -18.80 -24.06 4.17
C LEU F 112 -19.21 -24.53 2.79
N TYR F 113 -20.49 -24.82 2.58
CA TYR F 113 -20.97 -25.17 1.24
C TYR F 113 -20.80 -24.00 0.28
N VAL F 114 -21.09 -22.79 0.74
CA VAL F 114 -20.85 -21.61 -0.07
C VAL F 114 -19.36 -21.41 -0.29
N PHE F 115 -18.55 -21.70 0.74
CA PHE F 115 -17.10 -21.60 0.60
C PHE F 115 -16.59 -22.60 -0.43
N GLY F 116 -17.13 -23.82 -0.42
CA GLY F 116 -16.74 -24.79 -1.44
C GLY F 116 -17.15 -24.36 -2.83
N ILE F 117 -18.35 -23.78 -2.96
CA ILE F 117 -18.77 -23.23 -4.25
C ILE F 117 -17.87 -22.07 -4.65
N ALA F 118 -17.54 -21.21 -3.69
CA ALA F 118 -16.62 -20.10 -3.97
C ALA F 118 -15.24 -20.62 -4.37
N VAL F 119 -14.78 -21.70 -3.72
CA VAL F 119 -13.49 -22.28 -4.07
C VAL F 119 -13.52 -22.82 -5.49
N LEU F 120 -14.66 -23.37 -5.92
CA LEU F 120 -14.80 -23.81 -7.30
C LEU F 120 -14.69 -22.63 -8.27
N ILE F 121 -15.25 -21.49 -7.90
CA ILE F 121 -15.13 -20.29 -8.74
C ILE F 121 -13.68 -19.84 -8.81
N VAL F 122 -12.96 -19.93 -7.69
CA VAL F 122 -11.53 -19.58 -7.69
C VAL F 122 -10.76 -20.53 -8.60
N GLY F 123 -11.06 -21.83 -8.51
CA GLY F 123 -10.40 -22.79 -9.39
C GLY F 123 -10.72 -22.56 -10.85
N LEU F 124 -11.98 -22.25 -11.16
CA LEU F 124 -12.36 -21.95 -12.54
C LEU F 124 -11.65 -20.71 -13.04
N LEU F 125 -11.59 -19.67 -12.21
CA LEU F 125 -10.88 -18.44 -12.59
C LEU F 125 -9.39 -18.70 -12.77
N LEU F 126 -8.79 -19.46 -11.85
CA LEU F 126 -7.37 -19.76 -11.95
C LEU F 126 -7.07 -20.61 -13.19
N LEU F 127 -7.91 -21.61 -13.46
CA LEU F 127 -7.70 -22.45 -14.63
C LEU F 127 -7.86 -21.66 -15.92
N GLY F 128 -8.86 -20.77 -15.98
CA GLY F 128 -9.03 -19.94 -17.17
C GLY F 128 -7.89 -18.96 -17.36
N LEU F 129 -7.39 -18.38 -16.27
CA LEU F 129 -6.32 -17.40 -16.36
C LEU F 129 -5.03 -18.03 -16.89
N VAL F 130 -4.66 -19.21 -16.35
CA VAL F 130 -3.42 -19.86 -16.79
C VAL F 130 -3.57 -20.38 -18.22
N TRP F 131 -4.76 -20.87 -18.58
CA TRP F 131 -4.99 -21.33 -19.94
C TRP F 131 -4.91 -20.17 -20.93
N LEU F 132 -5.51 -19.03 -20.58
CA LEU F 132 -5.42 -17.85 -21.44
C LEU F 132 -3.99 -17.33 -21.50
N LEU F 133 -3.29 -17.33 -20.36
CA LEU F 133 -1.89 -16.91 -20.35
C LEU F 133 -1.03 -17.84 -21.17
N GLU F 134 -1.27 -19.15 -21.07
CA GLU F 134 -0.50 -20.11 -21.84
C GLU F 134 -0.69 -19.91 -23.34
N GLU F 135 -1.94 -19.67 -23.75
CA GLU F 135 -2.20 -19.37 -25.16
C GLU F 135 -1.56 -18.04 -25.56
N ALA F 136 -1.59 -17.05 -24.66
CA ALA F 136 -0.98 -15.76 -24.96
C ALA F 136 0.52 -15.89 -25.15
N LEU F 137 1.19 -16.66 -24.29
CA LEU F 137 2.63 -16.86 -24.45
C LEU F 137 2.93 -17.86 -25.56
N GLU F 138 1.94 -18.67 -25.96
CA GLU F 138 2.13 -19.57 -27.08
C GLU F 138 2.41 -18.80 -28.36
N ALA F 139 1.72 -17.68 -28.57
CA ALA F 139 2.01 -16.84 -29.73
C ALA F 139 3.37 -16.17 -29.61
N LEU F 140 3.85 -15.97 -28.39
CA LEU F 140 5.20 -15.42 -28.23
C LEU F 140 6.25 -16.36 -28.81
N LEU F 141 6.00 -17.67 -28.77
CA LEU F 141 6.86 -18.60 -29.49
C LEU F 141 6.84 -18.30 -30.97
N GLU F 142 5.65 -18.06 -31.53
CA GLU F 142 5.57 -17.66 -32.93
C GLU F 142 6.16 -16.28 -33.17
N GLU F 143 5.96 -15.35 -32.23
CA GLU F 143 6.52 -14.01 -32.38
C GLU F 143 8.04 -14.05 -32.40
N GLU F 144 8.65 -14.82 -31.51
CA GLU F 144 10.10 -14.96 -31.52
C GLU F 144 10.57 -15.73 -32.74
N LYS F 145 9.83 -16.77 -33.14
CA LYS F 145 10.19 -17.51 -34.34
C LYS F 145 10.09 -16.65 -35.59
N ARG F 146 9.09 -15.77 -35.64
CA ARG F 146 8.96 -14.85 -36.77
C ARG F 146 10.16 -13.91 -36.85
N ARG F 147 10.62 -13.42 -35.70
CA ARG F 147 11.82 -12.60 -35.68
C ARG F 147 13.04 -13.40 -36.13
N GLU F 148 13.14 -14.65 -35.69
CA GLU F 148 14.23 -15.51 -36.13
C GLU F 148 14.16 -15.77 -37.63
N GLU F 149 12.94 -15.99 -38.15
CA GLU F 149 12.79 -16.18 -39.60
C GLU F 149 13.09 -14.90 -40.35
N GLU F 150 12.76 -13.75 -39.76
CA GLU F 150 13.01 -12.47 -40.42
C GLU F 150 14.50 -12.22 -40.62
N GLU F 151 15.31 -12.52 -39.59
CA GLU F 151 16.75 -12.30 -39.69
C GLU F 151 17.45 -13.33 -40.57
N LYS F 152 16.78 -14.42 -40.93
CA LYS F 152 17.38 -15.44 -41.77
C LYS F 152 17.47 -14.96 -43.22
N ALA G 2 20.74 -19.10 -24.70
CA ALA G 2 19.89 -19.67 -25.74
C ALA G 2 19.05 -20.82 -25.18
N GLU G 3 19.62 -21.56 -24.23
CA GLU G 3 18.94 -22.68 -23.60
C GLU G 3 18.06 -22.24 -22.42
N LEU G 4 18.10 -20.96 -22.04
CA LEU G 4 17.24 -20.48 -20.97
C LEU G 4 15.77 -20.61 -21.30
N ARG G 5 15.39 -20.23 -22.52
CA ARG G 5 13.97 -20.11 -22.85
C ARG G 5 13.28 -21.47 -22.78
N GLU G 6 13.95 -22.52 -23.27
CA GLU G 6 13.41 -23.86 -23.13
C GLU G 6 13.39 -24.31 -21.67
N ARG G 7 14.40 -23.91 -20.90
CA ARG G 7 14.41 -24.25 -19.47
C ARG G 7 13.24 -23.59 -18.75
N LEU G 8 12.94 -22.33 -19.08
CA LEU G 8 11.83 -21.64 -18.45
C LEU G 8 10.50 -22.32 -18.77
N LEU G 9 10.33 -22.77 -20.02
CA LEU G 9 9.11 -23.47 -20.38
C LEU G 9 8.96 -24.77 -19.60
N ARG G 10 10.05 -25.52 -19.46
CA ARG G 10 10.02 -26.76 -18.68
C ARG G 10 9.75 -26.48 -17.20
N ALA G 11 10.35 -25.42 -16.66
CA ALA G 11 10.17 -25.10 -15.25
C ALA G 11 8.70 -24.79 -14.95
N ALA G 12 8.02 -24.11 -15.87
CA ALA G 12 6.59 -23.87 -15.70
C ALA G 12 5.81 -25.18 -15.69
N ARG G 13 6.21 -26.13 -16.53
CA ARG G 13 5.54 -27.42 -16.56
C ARG G 13 5.71 -28.15 -15.23
N TRP G 14 6.89 -28.07 -14.63
CA TRP G 14 7.11 -28.66 -13.31
C TRP G 14 6.21 -28.00 -12.26
N ILE G 15 6.10 -26.66 -12.32
CA ILE G 15 5.29 -25.95 -11.35
C ILE G 15 3.81 -26.29 -11.53
N LEU G 16 3.33 -26.29 -12.77
CA LEU G 16 1.93 -26.60 -13.02
C LEU G 16 1.60 -28.05 -12.63
N LEU G 17 2.50 -28.98 -12.94
CA LEU G 17 2.29 -30.36 -12.53
C LEU G 17 2.30 -30.50 -11.01
N LEU G 18 3.22 -29.79 -10.34
CA LEU G 18 3.26 -29.82 -8.89
C LEU G 18 2.00 -29.23 -8.29
N GLY G 19 1.50 -28.14 -8.88
CA GLY G 19 0.26 -27.54 -8.38
C GLY G 19 -0.93 -28.47 -8.50
N LEU G 20 -0.98 -29.24 -9.58
CA LEU G 20 -2.05 -30.22 -9.74
C LEU G 20 -2.00 -31.28 -8.65
N LEU G 21 -0.79 -31.74 -8.31
CA LEU G 21 -0.64 -32.71 -7.24
C LEU G 21 -1.05 -32.12 -5.89
N VAL G 22 -0.72 -30.85 -5.65
CA VAL G 22 -1.04 -30.22 -4.37
C VAL G 22 -2.56 -30.14 -4.19
N LEU G 23 -3.26 -29.68 -5.22
CA LEU G 23 -4.72 -29.59 -5.12
C LEU G 23 -5.37 -30.96 -5.07
N VAL G 24 -4.77 -31.96 -5.72
CA VAL G 24 -5.29 -33.32 -5.64
C VAL G 24 -5.21 -33.83 -4.22
N GLY G 25 -4.07 -33.61 -3.56
CA GLY G 25 -3.95 -34.00 -2.16
C GLY G 25 -4.88 -33.23 -1.25
N PHE G 26 -5.04 -31.92 -1.50
CA PHE G 26 -5.96 -31.12 -0.70
C PHE G 26 -7.40 -31.58 -0.89
N VAL G 27 -7.77 -31.96 -2.12
CA VAL G 27 -9.12 -32.44 -2.37
C VAL G 27 -9.36 -33.76 -1.65
N VAL G 28 -8.33 -34.61 -1.56
CA VAL G 28 -8.47 -35.87 -0.86
C VAL G 28 -8.74 -35.65 0.62
N LEU G 29 -8.03 -34.70 1.23
CA LEU G 29 -8.23 -34.39 2.64
C LEU G 29 -9.57 -33.71 2.88
N ALA G 30 -10.01 -32.86 1.94
CA ALA G 30 -11.29 -32.18 2.06
C ALA G 30 -12.46 -33.03 1.61
N TYR G 31 -12.20 -34.20 1.03
CA TYR G 31 -13.30 -35.05 0.55
C TYR G 31 -14.16 -35.55 1.70
N LEU G 32 -13.54 -35.94 2.82
CA LEU G 32 -14.29 -36.52 3.93
C LEU G 32 -13.85 -35.98 5.28
N GLU G 33 -13.33 -34.75 5.35
CA GLU G 33 -12.96 -34.16 6.62
C GLU G 33 -14.18 -34.00 7.52
N ARG G 34 -14.02 -34.38 8.79
CA ARG G 34 -15.15 -34.37 9.72
C ARG G 34 -15.59 -32.97 10.11
N SER G 35 -14.71 -31.98 10.02
CA SER G 35 -15.04 -30.63 10.44
C SER G 35 -15.24 -29.73 9.24
N PRO G 36 -16.43 -29.11 9.10
CA PRO G 36 -16.63 -28.19 7.96
C PRO G 36 -15.66 -27.02 7.96
N LEU G 37 -15.29 -26.53 9.14
CA LEU G 37 -14.27 -25.48 9.22
C LEU G 37 -12.93 -25.98 8.71
N ILE G 38 -12.58 -27.22 9.03
CA ILE G 38 -11.33 -27.80 8.53
C ILE G 38 -11.40 -27.97 7.02
N ARG G 39 -12.58 -28.28 6.49
CA ARG G 39 -12.74 -28.44 5.04
C ARG G 39 -12.40 -27.15 4.31
N ALA G 40 -12.89 -26.01 4.82
CA ALA G 40 -12.56 -24.73 4.21
C ALA G 40 -11.08 -24.41 4.38
N PHE G 41 -10.49 -24.75 5.52
CA PHE G 41 -9.10 -24.42 5.78
C PHE G 41 -8.17 -25.15 4.83
N VAL G 42 -8.36 -26.46 4.66
CA VAL G 42 -7.50 -27.23 3.77
C VAL G 42 -7.74 -26.83 2.32
N LEU G 43 -8.98 -26.53 1.96
CA LEU G 43 -9.28 -26.08 0.61
C LEU G 43 -8.63 -24.73 0.33
N SER G 44 -8.70 -23.81 1.30
CA SER G 44 -8.06 -22.50 1.12
C SER G 44 -6.54 -22.64 1.06
N ALA G 45 -5.97 -23.51 1.88
CA ALA G 45 -4.53 -23.74 1.84
C ALA G 45 -4.10 -24.31 0.49
N GLY G 46 -4.87 -25.26 -0.04
CA GLY G 46 -4.58 -25.78 -1.37
C GLY G 46 -4.79 -24.74 -2.45
N VAL G 47 -5.83 -23.92 -2.31
CA VAL G 47 -6.08 -22.86 -3.27
C VAL G 47 -4.99 -21.81 -3.20
N VAL G 48 -4.51 -21.51 -1.99
CA VAL G 48 -3.42 -20.54 -1.83
C VAL G 48 -2.14 -21.08 -2.46
N LEU G 49 -1.87 -22.37 -2.27
CA LEU G 49 -0.64 -22.97 -2.79
C LEU G 49 -0.59 -22.91 -4.30
N VAL G 50 -1.69 -23.27 -4.96
CA VAL G 50 -1.72 -23.25 -6.42
C VAL G 50 -1.70 -21.81 -6.94
N ALA G 51 -2.30 -20.89 -6.19
CA ALA G 51 -2.32 -19.50 -6.61
C ALA G 51 -0.91 -18.91 -6.66
N LEU G 52 -0.10 -19.17 -5.63
CA LEU G 52 1.28 -18.70 -5.65
C LEU G 52 2.11 -19.46 -6.67
N PHE G 53 1.79 -20.74 -6.89
CA PHE G 53 2.49 -21.50 -7.93
C PHE G 53 2.22 -20.90 -9.30
N ALA G 54 0.98 -20.51 -9.58
CA ALA G 54 0.68 -19.81 -10.83
C ALA G 54 1.41 -18.48 -10.91
N ALA G 55 1.47 -17.75 -9.78
CA ALA G 55 2.21 -16.50 -9.76
C ALA G 55 3.69 -16.72 -10.01
N ALA G 56 4.26 -17.78 -9.43
CA ALA G 56 5.66 -18.09 -9.68
C ALA G 56 5.89 -18.43 -11.14
N LEU G 57 4.99 -19.20 -11.75
CA LEU G 57 5.10 -19.51 -13.16
C LEU G 57 4.98 -18.25 -14.01
N ALA G 58 4.06 -17.36 -13.65
CA ALA G 58 3.92 -16.10 -14.37
C ALA G 58 5.16 -15.23 -14.21
N TRP G 59 5.74 -15.22 -13.00
CA TRP G 59 6.97 -14.46 -12.78
C TRP G 59 8.11 -15.02 -13.62
N LEU G 60 8.22 -16.35 -13.70
CA LEU G 60 9.24 -16.96 -14.54
C LEU G 60 9.03 -16.62 -16.01
N TYR G 61 7.77 -16.63 -16.47
CA TYR G 61 7.48 -16.28 -17.85
C TYR G 61 7.80 -14.81 -18.12
N LEU G 62 7.54 -13.94 -17.14
CA LEU G 62 7.88 -12.52 -17.31
C LEU G 62 9.38 -12.33 -17.49
N ALA G 63 10.18 -13.06 -16.71
CA ALA G 63 11.63 -12.99 -16.90
C ALA G 63 12.05 -13.55 -18.25
N ALA G 64 11.39 -14.62 -18.69
CA ALA G 64 11.70 -15.18 -20.02
C ALA G 64 11.34 -14.19 -21.12
N ALA G 65 10.22 -13.48 -20.98
CA ALA G 65 9.85 -12.48 -21.96
C ALA G 65 10.87 -11.35 -22.03
N LEU G 66 11.34 -10.89 -20.87
CA LEU G 66 12.37 -9.86 -20.85
C LEU G 66 13.73 -10.38 -21.28
N LEU G 67 13.94 -11.69 -21.23
CA LEU G 67 15.23 -12.25 -21.64
C LEU G 67 15.49 -12.06 -23.12
N GLY G 68 14.43 -12.00 -23.93
CA GLY G 68 14.59 -11.81 -25.36
C GLY G 68 14.95 -10.40 -25.79
N ARG G 69 14.92 -9.44 -24.88
CA ARG G 69 15.24 -8.06 -25.18
C ARG G 69 16.52 -7.60 -24.50
N SER G 70 16.60 -7.73 -23.18
CA SER G 70 17.77 -7.31 -22.41
C SER G 70 18.07 -8.37 -21.36
N PRO G 71 19.31 -8.86 -21.27
CA PRO G 71 19.62 -9.88 -20.25
C PRO G 71 19.79 -9.28 -18.86
N LEU G 72 20.36 -8.07 -18.79
CA LEU G 72 20.52 -7.39 -17.51
C LEU G 72 19.17 -7.05 -16.89
N LEU G 73 18.22 -6.58 -17.72
CA LEU G 73 16.89 -6.27 -17.23
C LEU G 73 16.16 -7.53 -16.79
N ALA G 74 16.36 -8.63 -17.52
CA ALA G 74 15.70 -9.89 -17.17
C ALA G 74 16.16 -10.38 -15.80
N LEU G 75 17.46 -10.28 -15.52
CA LEU G 75 17.98 -10.68 -14.21
C LEU G 75 17.39 -9.82 -13.10
N VAL G 76 17.29 -8.51 -13.34
CA VAL G 76 16.70 -7.61 -12.35
C VAL G 76 15.22 -7.94 -12.17
N ALA G 77 14.51 -8.18 -13.29
CA ALA G 77 13.10 -8.53 -13.21
C ALA G 77 12.91 -9.86 -12.50
N LEU G 78 13.77 -10.85 -12.79
CA LEU G 78 13.67 -12.13 -12.11
C LEU G 78 13.92 -11.99 -10.62
N ALA G 79 14.91 -11.18 -10.23
CA ALA G 79 15.17 -10.96 -8.82
C ALA G 79 14.00 -10.26 -8.15
N LEU G 80 13.40 -9.27 -8.82
CA LEU G 80 12.24 -8.59 -8.27
C LEU G 80 11.06 -9.55 -8.14
N GLY G 81 10.85 -10.40 -9.15
CA GLY G 81 9.77 -11.37 -9.07
C GLY G 81 9.97 -12.38 -7.96
N LEU G 82 11.22 -12.84 -7.78
CA LEU G 82 11.51 -13.77 -6.70
C LEU G 82 11.27 -13.15 -5.34
N ILE G 83 11.68 -11.88 -5.18
CA ILE G 83 11.45 -11.18 -3.91
C ILE G 83 9.95 -11.01 -3.66
N THR G 84 9.20 -10.64 -4.70
CA THR G 84 7.75 -10.49 -4.54
C THR G 84 7.10 -11.83 -4.21
N LEU G 85 7.55 -12.91 -4.86
CA LEU G 85 7.01 -14.23 -4.56
C LEU G 85 7.34 -14.65 -3.13
N ALA G 86 8.56 -14.38 -2.69
CA ALA G 86 8.95 -14.72 -1.33
C ALA G 86 8.16 -13.93 -0.30
N ALA G 87 7.95 -12.64 -0.56
CA ALA G 87 7.14 -11.83 0.36
C ALA G 87 5.70 -12.31 0.43
N ALA G 88 5.12 -12.65 -0.72
CA ALA G 88 3.76 -13.17 -0.74
C ALA G 88 3.69 -14.54 -0.06
N SER G 89 4.71 -15.37 -0.26
CA SER G 89 4.74 -16.67 0.41
C SER G 89 4.82 -16.51 1.92
N ALA G 90 5.58 -15.53 2.40
CA ALA G 90 5.63 -15.27 3.83
C ALA G 90 4.30 -14.76 4.35
N ALA G 91 3.58 -14.00 3.51
CA ALA G 91 2.29 -13.46 3.94
C ALA G 91 1.29 -14.56 4.23
N MET G 92 1.20 -15.57 3.35
CA MET G 92 0.26 -16.67 3.57
C MET G 92 0.72 -17.57 4.71
N ALA G 93 2.04 -17.72 4.89
CA ALA G 93 2.55 -18.53 5.99
C ALA G 93 2.19 -17.91 7.34
N ALA G 94 2.34 -16.59 7.46
CA ALA G 94 1.98 -15.91 8.71
C ALA G 94 0.49 -16.01 8.98
N THR G 95 -0.34 -15.84 7.94
CA THR G 95 -1.78 -15.98 8.10
C THR G 95 -2.16 -17.40 8.50
N PHE G 96 -1.54 -18.39 7.87
CA PHE G 96 -1.81 -19.78 8.22
C PHE G 96 -1.36 -20.10 9.64
N ALA G 97 -0.18 -19.60 10.02
CA ALA G 97 0.31 -19.81 11.39
C ALA G 97 -0.59 -19.12 12.40
N HIS G 98 -1.04 -17.90 12.10
CA HIS G 98 -1.93 -17.19 12.99
C HIS G 98 -3.27 -17.91 13.14
N LEU G 99 -3.80 -18.44 12.03
CA LEU G 99 -5.05 -19.19 12.09
C LEU G 99 -4.87 -20.48 12.88
N LEU G 100 -3.73 -21.15 12.72
CA LEU G 100 -3.47 -22.37 13.47
C LEU G 100 -3.41 -22.11 14.96
N LEU G 101 -2.77 -21.00 15.36
CA LEU G 101 -2.72 -20.65 16.79
C LEU G 101 -4.09 -20.30 17.33
N GLU G 102 -4.97 -19.72 16.50
CA GLU G 102 -6.32 -19.38 16.91
C GLU G 102 -7.29 -20.56 16.83
N ALA G 103 -6.87 -21.67 16.24
CA ALA G 103 -7.74 -22.83 16.14
C ALA G 103 -7.94 -23.46 17.51
N PRO G 104 -9.09 -24.08 17.75
CA PRO G 104 -9.33 -24.74 19.04
C PRO G 104 -8.45 -25.97 19.17
N PRO G 105 -8.13 -26.38 20.41
CA PRO G 105 -7.24 -27.52 20.61
C PRO G 105 -7.72 -28.80 19.95
N GLU G 106 -9.04 -29.00 19.93
CA GLU G 106 -9.59 -30.19 19.27
C GLU G 106 -9.28 -30.20 17.79
N TYR G 107 -9.41 -29.05 17.12
CA TYR G 107 -9.10 -28.94 15.70
C TYR G 107 -7.66 -28.59 15.42
N ARG G 108 -6.94 -28.07 16.42
CA ARG G 108 -5.55 -27.65 16.21
C ARG G 108 -4.66 -28.82 15.81
N GLU G 109 -4.98 -30.03 16.27
CA GLU G 109 -4.21 -31.20 15.89
C GLU G 109 -4.28 -31.43 14.37
N ALA G 110 -5.49 -31.32 13.81
CA ALA G 110 -5.63 -31.44 12.36
C ALA G 110 -5.11 -30.20 11.66
N MET G 111 -5.32 -29.01 12.25
CA MET G 111 -4.84 -27.77 11.62
C MET G 111 -3.32 -27.72 11.55
N LEU G 112 -2.64 -28.20 12.59
CA LEU G 112 -1.18 -28.20 12.58
C LEU G 112 -0.62 -29.16 11.53
N TYR G 113 -1.27 -30.30 11.32
CA TYR G 113 -0.85 -31.20 10.25
C TYR G 113 -1.00 -30.54 8.88
N VAL G 114 -2.10 -29.82 8.67
CA VAL G 114 -2.27 -29.07 7.44
C VAL G 114 -1.24 -27.94 7.36
N PHE G 115 -0.94 -27.32 8.50
CA PHE G 115 0.09 -26.28 8.53
C PHE G 115 1.46 -26.85 8.16
N GLY G 116 1.78 -28.04 8.67
CA GLY G 116 3.02 -28.68 8.30
C GLY G 116 3.07 -29.03 6.82
N ILE G 117 1.96 -29.52 6.27
CA ILE G 117 1.88 -29.77 4.84
C ILE G 117 2.01 -28.46 4.06
N ALA G 118 1.35 -27.41 4.54
CA ALA G 118 1.49 -26.10 3.90
C ALA G 118 2.91 -25.58 3.98
N VAL G 119 3.58 -25.82 5.11
CA VAL G 119 4.97 -25.40 5.25
C VAL G 119 5.85 -26.14 4.26
N LEU G 120 5.54 -27.41 3.99
CA LEU G 120 6.27 -28.15 2.97
C LEU G 120 6.09 -27.54 1.59
N ILE G 121 4.87 -27.06 1.30
CA ILE G 121 4.62 -26.40 0.03
C ILE G 121 5.41 -25.10 -0.06
N VAL G 122 5.50 -24.37 1.06
CA VAL G 122 6.30 -23.15 1.09
C VAL G 122 7.78 -23.48 0.84
N GLY G 123 8.28 -24.53 1.49
CA GLY G 123 9.65 -24.93 1.27
C GLY G 123 9.92 -25.37 -0.16
N LEU G 124 8.97 -26.12 -0.75
CA LEU G 124 9.11 -26.54 -2.14
C LEU G 124 9.11 -25.33 -3.07
N LEU G 125 8.21 -24.38 -2.82
CA LEU G 125 8.15 -23.17 -3.64
C LEU G 125 9.42 -22.35 -3.47
N LEU G 126 9.90 -22.21 -2.24
CA LEU G 126 11.12 -21.44 -1.99
C LEU G 126 12.33 -22.12 -2.63
N LEU G 127 12.43 -23.44 -2.51
CA LEU G 127 13.55 -24.16 -3.12
C LEU G 127 13.52 -24.06 -4.63
N GLY G 128 12.33 -24.17 -5.23
CA GLY G 128 12.23 -24.05 -6.67
C GLY G 128 12.54 -22.64 -7.15
N LEU G 129 12.11 -21.63 -6.40
CA LEU G 129 12.35 -20.24 -6.81
C LEU G 129 13.83 -19.91 -6.80
N VAL G 130 14.55 -20.29 -5.73
CA VAL G 130 15.97 -19.98 -5.64
C VAL G 130 16.76 -20.79 -6.66
N TRP G 131 16.36 -22.04 -6.90
CA TRP G 131 17.03 -22.86 -7.91
C TRP G 131 16.83 -22.28 -9.30
N LEU G 132 15.60 -21.85 -9.61
CA LEU G 132 15.35 -21.21 -10.90
C LEU G 132 16.08 -19.88 -11.01
N LEU G 133 16.11 -19.10 -9.92
CA LEU G 133 16.83 -17.84 -9.94
C LEU G 133 18.33 -18.07 -10.09
N GLU G 134 18.87 -19.09 -9.41
CA GLU G 134 20.29 -19.39 -9.54
C GLU G 134 20.66 -19.77 -10.97
N GLU G 135 19.81 -20.59 -11.61
CA GLU G 135 20.04 -20.93 -13.01
C GLU G 135 19.89 -19.69 -13.90
N ALA G 136 18.94 -18.82 -13.58
CA ALA G 136 18.74 -17.60 -14.37
C ALA G 136 19.96 -16.69 -14.28
N LEU G 137 20.51 -16.52 -13.07
CA LEU G 137 21.71 -15.70 -12.92
C LEU G 137 22.96 -16.44 -13.39
N GLU G 138 22.88 -17.77 -13.49
CA GLU G 138 24.02 -18.52 -14.01
C GLU G 138 24.30 -18.13 -15.46
N ALA G 139 23.26 -17.93 -16.26
CA ALA G 139 23.46 -17.46 -17.63
C ALA G 139 23.99 -16.04 -17.66
N LEU G 140 23.70 -15.24 -16.62
CA LEU G 140 24.26 -13.90 -16.55
C LEU G 140 25.78 -13.95 -16.49
N LEU G 141 26.34 -14.98 -15.86
CA LEU G 141 27.78 -15.19 -15.93
C LEU G 141 28.23 -15.38 -17.38
N GLU G 142 27.48 -16.18 -18.14
CA GLU G 142 27.78 -16.34 -19.56
C GLU G 142 27.49 -15.06 -20.33
N GLU G 143 26.43 -14.34 -19.97
CA GLU G 143 26.12 -13.09 -20.67
C GLU G 143 27.21 -12.06 -20.47
N GLU G 144 27.72 -11.93 -19.24
CA GLU G 144 28.82 -11.01 -18.99
C GLU G 144 30.10 -11.50 -19.63
N LYS G 145 30.34 -12.82 -19.59
CA LYS G 145 31.53 -13.37 -20.23
C LYS G 145 31.48 -13.18 -21.75
N ARG G 146 30.29 -13.31 -22.34
CA ARG G 146 30.15 -13.06 -23.77
C ARG G 146 30.49 -11.62 -24.12
N ARG G 147 30.05 -10.67 -23.29
CA ARG G 147 30.41 -9.28 -23.50
C ARG G 147 31.91 -9.07 -23.36
N GLU G 148 32.52 -9.73 -22.37
CA GLU G 148 33.97 -9.66 -22.20
C GLU G 148 34.69 -10.26 -23.40
N GLU G 149 34.18 -11.40 -23.91
CA GLU G 149 34.78 -12.00 -25.10
C GLU G 149 34.58 -11.12 -26.32
N GLU G 150 33.43 -10.43 -26.41
CA GLU G 150 33.16 -9.57 -27.54
C GLU G 150 34.14 -8.41 -27.62
N GLU G 151 34.46 -7.79 -26.49
CA GLU G 151 35.38 -6.66 -26.47
C GLU G 151 36.83 -7.08 -26.68
N LYS G 152 37.13 -8.38 -26.56
CA LYS G 152 38.49 -8.86 -26.74
C LYS G 152 38.90 -8.84 -28.21
#